data_4MQK
#
_entry.id   4MQK
#
_cell.length_a   106.040
_cell.length_b   52.229
_cell.length_c   106.381
_cell.angle_alpha   90.00
_cell.angle_beta   114.27
_cell.angle_gamma   90.00
#
_symmetry.space_group_name_H-M   'P 1 21 1'
#
loop_
_entity.id
_entity.type
_entity.pdbx_description
1 polymer 'Hemoglobin subunit alpha'
2 polymer 'Hemoglobin subunit gamma-2'
3 non-polymer 'PROTOPORPHYRIN IX CONTAINING FE'
4 non-polymer 'CARBON MONOXIDE'
5 water water
#
loop_
_entity_poly.entity_id
_entity_poly.type
_entity_poly.pdbx_seq_one_letter_code
_entity_poly.pdbx_strand_id
1 'polypeptide(L)'
;VLSPADKTNVKAAWGKVGAHAGEYGAEALERMFLSFPTTKTYFPHFDLSHGSAQVKGHGKKVADALTNAVAHVDDMPNAL
SALSDLHAHKLRVDPVNFKLLSHCLLVTLAAHLPAEFTPAVHASLDKFLASVSTVLTSKYR
;
A,C,E,G
2 'polypeptide(L)'
;GHFTEEDKATITSLWGKVNVEDAGGETLGRLLVVYPWTQRFFDSFGNLSSASAIMGNPKVKAHGKKMLTSLGDAIKHLDD
LKGTFAQLSELHCDKLHVDPENFKLLGNVLVTVLAIHFGKEFTPEVQASWQKMVTGVASALSSRYH
;
B,D,F,H
#
loop_
_chem_comp.id
_chem_comp.type
_chem_comp.name
_chem_comp.formula
CMO non-polymer 'CARBON MONOXIDE' 'C O'
HEM non-polymer 'PROTOPORPHYRIN IX CONTAINING FE' 'C34 H32 Fe N4 O4'
#
# COMPACT_ATOMS: atom_id res chain seq x y z
N VAL A 1 -16.99 6.19 37.46
CA VAL A 1 -16.03 5.22 36.96
C VAL A 1 -14.86 5.88 36.22
N LEU A 2 -13.93 6.44 36.99
CA LEU A 2 -12.75 7.07 36.42
C LEU A 2 -11.50 6.72 37.20
N SER A 3 -10.41 7.43 36.93
CA SER A 3 -9.15 7.22 37.62
C SER A 3 -8.52 8.57 37.93
N PRO A 4 -7.57 8.61 38.88
CA PRO A 4 -6.85 9.84 39.21
C PRO A 4 -6.25 10.58 38.01
N ALA A 5 -5.56 9.87 37.12
CA ALA A 5 -5.02 10.50 35.92
C ALA A 5 -6.17 10.97 35.03
N ASP A 6 -7.23 10.18 34.98
CA ASP A 6 -8.39 10.53 34.20
C ASP A 6 -9.01 11.83 34.71
N LYS A 7 -9.37 11.85 36.00
CA LYS A 7 -9.98 13.01 36.63
C LYS A 7 -9.16 14.26 36.39
N THR A 8 -7.84 14.10 36.52
CA THR A 8 -6.91 15.21 36.28
C THR A 8 -6.94 15.68 34.83
N ASN A 9 -6.96 14.74 33.88
CA ASN A 9 -7.01 15.10 32.47
C ASN A 9 -8.30 15.84 32.14
N VAL A 10 -9.40 15.36 32.69
CA VAL A 10 -10.69 15.94 32.38
C VAL A 10 -10.75 17.38 32.89
N LYS A 11 -10.38 17.56 34.16
CA LYS A 11 -10.37 18.88 34.79
C LYS A 11 -9.44 19.88 34.09
N ALA A 12 -8.24 19.43 33.74
CA ALA A 12 -7.31 20.29 32.99
C ALA A 12 -7.89 20.66 31.62
N ALA A 13 -8.41 19.68 30.89
CA ALA A 13 -8.90 19.91 29.55
C ALA A 13 -10.14 20.78 29.60
N TRP A 14 -11.02 20.49 30.54
CA TRP A 14 -12.27 21.23 30.65
C TRP A 14 -12.02 22.67 31.13
N GLY A 15 -10.93 22.86 31.86
CA GLY A 15 -10.57 24.19 32.34
C GLY A 15 -9.85 25.02 31.30
N LYS A 16 -9.37 24.37 30.25
CA LYS A 16 -8.81 25.08 29.10
C LYS A 16 -9.93 25.55 28.18
N VAL A 17 -11.06 24.87 28.25
CA VAL A 17 -12.24 25.26 27.50
C VAL A 17 -12.60 26.69 27.91
N GLY A 18 -12.54 26.95 29.21
CA GLY A 18 -12.61 28.31 29.73
C GLY A 18 -13.92 29.02 29.47
N ALA A 19 -13.81 30.29 29.04
CA ALA A 19 -14.98 31.11 28.75
C ALA A 19 -15.84 30.62 27.56
N HIS A 20 -15.44 29.53 26.91
CA HIS A 20 -16.12 29.10 25.68
C HIS A 20 -16.95 27.83 25.84
N ALA A 21 -17.14 27.40 27.09
CA ALA A 21 -17.94 26.21 27.37
C ALA A 21 -19.26 26.23 26.60
N GLY A 22 -20.01 27.32 26.78
CA GLY A 22 -21.29 27.49 26.10
C GLY A 22 -21.17 27.39 24.59
N GLU A 23 -20.19 28.10 24.04
CA GLU A 23 -19.93 28.12 22.61
C GLU A 23 -19.61 26.72 22.07
N TYR A 24 -18.81 25.96 22.80
CA TYR A 24 -18.46 24.61 22.39
C TYR A 24 -19.65 23.65 22.47
N GLY A 25 -20.48 23.83 23.47
CA GLY A 25 -21.74 23.08 23.56
C GLY A 25 -22.66 23.37 22.39
N ALA A 26 -22.76 24.63 21.97
CA ALA A 26 -23.60 24.98 20.81
C ALA A 26 -23.00 24.44 19.51
N GLU A 27 -21.67 24.48 19.40
CA GLU A 27 -21.02 23.93 18.22
C GLU A 27 -21.17 22.41 18.18
N ALA A 28 -21.09 21.77 19.34
CA ALA A 28 -21.27 20.32 19.42
C ALA A 28 -22.68 19.87 18.96
N LEU A 29 -23.70 20.60 19.40
CA LEU A 29 -25.07 20.35 18.97
C LEU A 29 -25.17 20.51 17.46
N GLU A 30 -24.66 21.63 16.95
CA GLU A 30 -24.71 21.91 15.53
C GLU A 30 -24.03 20.78 14.72
N ARG A 31 -22.88 20.31 15.20
CA ARG A 31 -22.22 19.18 14.56
C ARG A 31 -23.11 17.92 14.58
N MET A 32 -23.87 17.74 15.65
CA MET A 32 -24.72 16.55 15.75
C MET A 32 -25.91 16.63 14.79
N PHE A 33 -26.56 17.79 14.76
CA PHE A 33 -27.69 18.03 13.87
C PHE A 33 -27.32 17.81 12.41
N LEU A 34 -26.11 18.22 12.03
CA LEU A 34 -25.68 18.14 10.65
C LEU A 34 -25.18 16.75 10.29
N SER A 35 -24.41 16.13 11.18
CA SER A 35 -23.84 14.81 10.89
C SER A 35 -24.88 13.71 11.00
N PHE A 36 -25.79 13.86 11.98
CA PHE A 36 -26.79 12.83 12.33
C PHE A 36 -28.21 13.43 12.38
N PRO A 37 -28.78 13.76 11.20
CA PRO A 37 -30.03 14.53 11.06
C PRO A 37 -31.21 14.00 11.86
N THR A 38 -31.27 12.70 12.14
CA THR A 38 -32.36 12.13 12.92
C THR A 38 -32.47 12.77 14.30
N THR A 39 -31.35 13.22 14.84
CA THR A 39 -31.33 13.87 16.15
C THR A 39 -32.10 15.19 16.17
N LYS A 40 -32.44 15.70 14.99
CA LYS A 40 -33.17 16.96 14.90
C LYS A 40 -34.61 16.84 15.41
N THR A 41 -35.14 15.62 15.35
CA THR A 41 -36.54 15.40 15.73
C THR A 41 -36.81 15.62 17.21
N TYR A 42 -35.74 15.62 18.01
CA TYR A 42 -35.90 15.89 19.43
C TYR A 42 -36.11 17.38 19.67
N PHE A 43 -35.81 18.19 18.66
CA PHE A 43 -35.97 19.63 18.79
C PHE A 43 -36.89 20.22 17.74
N PRO A 44 -38.16 19.78 17.70
CA PRO A 44 -39.12 20.15 16.64
C PRO A 44 -39.28 21.66 16.44
N HIS A 45 -39.31 22.43 17.52
CA HIS A 45 -39.62 23.85 17.39
C HIS A 45 -38.45 24.71 17.83
N PHE A 46 -37.25 24.21 17.59
CA PHE A 46 -36.05 25.02 17.73
C PHE A 46 -35.64 25.55 16.37
N ASP A 47 -35.11 26.77 16.35
CA ASP A 47 -34.34 27.21 15.20
C ASP A 47 -33.02 26.43 15.20
N LEU A 48 -32.77 25.65 14.16
CA LEU A 48 -31.55 24.83 14.14
C LEU A 48 -30.51 25.30 13.12
N SER A 49 -30.70 26.52 12.62
CA SER A 49 -29.70 27.14 11.74
C SER A 49 -28.45 27.53 12.52
N HIS A 50 -27.37 27.86 11.80
CA HIS A 50 -26.11 28.23 12.45
C HIS A 50 -26.20 29.63 13.07
N GLY A 51 -25.76 29.73 14.33
CA GLY A 51 -25.86 30.98 15.05
C GLY A 51 -27.22 31.17 15.72
N SER A 52 -28.04 30.13 15.68
CA SER A 52 -29.35 30.16 16.31
C SER A 52 -29.24 30.50 17.79
N ALA A 53 -30.02 31.49 18.25
CA ALA A 53 -29.98 31.93 19.65
C ALA A 53 -30.51 30.85 20.59
N GLN A 54 -31.42 30.04 20.07
CA GLN A 54 -31.94 28.92 20.86
C GLN A 54 -30.88 27.82 21.04
N VAL A 55 -30.09 27.56 20.00
CA VAL A 55 -29.06 26.53 20.10
C VAL A 55 -27.94 27.07 20.98
N LYS A 56 -27.64 28.35 20.85
CA LYS A 56 -26.61 28.96 21.68
C LYS A 56 -27.05 28.86 23.15
N GLY A 57 -28.29 29.24 23.42
CA GLY A 57 -28.85 29.15 24.76
C GLY A 57 -28.76 27.73 25.26
N HIS A 58 -29.10 26.80 24.39
CA HIS A 58 -29.05 25.40 24.80
C HIS A 58 -27.66 24.78 24.95
N GLY A 59 -26.70 25.20 24.12
CA GLY A 59 -25.34 24.68 24.23
C GLY A 59 -24.79 25.05 25.59
N LYS A 60 -25.25 26.21 26.10
CA LYS A 60 -24.85 26.75 27.37
C LYS A 60 -25.35 25.87 28.54
N LYS A 61 -26.56 25.30 28.39
CA LYS A 61 -27.12 24.45 29.42
C LYS A 61 -26.43 23.09 29.47
N VAL A 62 -26.18 22.49 28.30
CA VAL A 62 -25.40 21.26 28.22
C VAL A 62 -24.05 21.43 28.90
N ALA A 63 -23.35 22.50 28.52
CA ALA A 63 -22.00 22.74 29.03
C ALA A 63 -22.00 22.96 30.54
N ASP A 64 -23.02 23.63 31.05
CA ASP A 64 -23.21 23.80 32.51
C ASP A 64 -23.37 22.45 33.21
N ALA A 65 -24.16 21.58 32.61
CA ALA A 65 -24.37 20.27 33.18
C ALA A 65 -23.06 19.47 33.19
N LEU A 66 -22.34 19.52 32.08
CA LEU A 66 -21.02 18.89 31.98
C LEU A 66 -20.04 19.46 33.00
N THR A 67 -20.05 20.79 33.15
CA THR A 67 -19.20 21.45 34.13
C THR A 67 -19.51 20.97 35.54
N ASN A 68 -20.79 20.83 35.85
CA ASN A 68 -21.20 20.31 37.16
C ASN A 68 -20.78 18.84 37.32
N ALA A 69 -20.92 18.06 36.26
CA ALA A 69 -20.52 16.64 36.31
C ALA A 69 -19.01 16.50 36.54
N VAL A 70 -18.23 17.37 35.93
CA VAL A 70 -16.78 17.41 36.13
C VAL A 70 -16.43 17.76 37.58
N ALA A 71 -17.25 18.63 38.19
CA ALA A 71 -17.08 19.03 39.57
C ALA A 71 -17.53 17.94 40.54
N HIS A 72 -18.15 16.89 40.02
CA HIS A 72 -18.61 15.79 40.87
C HIS A 72 -18.38 14.44 40.21
N VAL A 73 -17.23 14.26 39.56
CA VAL A 73 -16.95 13.05 38.79
C VAL A 73 -17.19 11.76 39.56
N ASP A 74 -17.04 11.82 40.87
CA ASP A 74 -17.15 10.63 41.71
C ASP A 74 -18.60 10.31 42.08
N ASP A 75 -19.47 11.31 42.01
CA ASP A 75 -20.88 11.09 42.37
C ASP A 75 -21.81 11.56 41.25
N MET A 76 -21.46 11.18 40.02
CA MET A 76 -22.25 11.54 38.85
C MET A 76 -23.71 11.08 38.85
N PRO A 77 -23.99 9.86 39.34
CA PRO A 77 -25.41 9.47 39.39
C PRO A 77 -26.24 10.47 40.19
N ASN A 78 -25.65 11.00 41.25
CA ASN A 78 -26.32 11.99 42.10
C ASN A 78 -26.47 13.34 41.39
N ALA A 79 -25.39 13.78 40.74
CA ALA A 79 -25.36 15.10 40.11
C ALA A 79 -26.29 15.26 38.89
N LEU A 80 -26.43 14.21 38.09
CA LEU A 80 -27.24 14.27 36.86
C LEU A 80 -28.59 13.58 37.01
N SER A 81 -29.06 13.40 38.24
CA SER A 81 -30.25 12.60 38.49
C SER A 81 -31.51 13.10 37.77
N ALA A 82 -31.80 14.39 37.86
CA ALA A 82 -32.98 14.96 37.22
C ALA A 82 -32.88 14.94 35.69
N LEU A 83 -31.68 15.15 35.17
CA LEU A 83 -31.44 15.04 33.74
C LEU A 83 -31.72 13.62 33.25
N SER A 84 -31.37 12.64 34.08
CA SER A 84 -31.62 11.25 33.79
C SER A 84 -33.11 11.03 33.53
N ASP A 85 -33.95 11.41 34.50
CA ASP A 85 -35.40 11.30 34.37
C ASP A 85 -35.92 12.05 33.16
N LEU A 86 -35.39 13.23 32.94
CA LEU A 86 -35.79 14.06 31.81
C LEU A 86 -35.53 13.39 30.46
N HIS A 87 -34.29 12.97 30.23
CA HIS A 87 -33.92 12.37 28.94
C HIS A 87 -34.55 11.01 28.67
N ALA A 88 -34.69 10.18 29.69
CA ALA A 88 -35.26 8.85 29.50
C ALA A 88 -36.80 8.83 29.48
N HIS A 89 -37.42 9.44 30.47
CA HIS A 89 -38.87 9.33 30.64
C HIS A 89 -39.69 10.33 29.85
N LYS A 90 -39.14 11.53 29.68
CA LYS A 90 -39.92 12.63 29.14
C LYS A 90 -39.61 12.77 27.65
N LEU A 91 -38.31 12.89 27.33
CA LEU A 91 -37.90 13.13 25.97
C LEU A 91 -37.70 11.82 25.22
N ARG A 92 -37.50 10.75 25.98
CA ARG A 92 -37.28 9.41 25.45
C ARG A 92 -36.23 9.36 24.34
N VAL A 93 -35.08 9.98 24.64
CA VAL A 93 -33.92 9.96 23.78
C VAL A 93 -33.35 8.55 23.65
N ASP A 94 -33.24 8.11 22.41
CA ASP A 94 -32.59 6.87 22.04
C ASP A 94 -31.16 6.86 22.61
N PRO A 95 -30.77 5.79 23.32
CA PRO A 95 -29.42 5.68 23.90
C PRO A 95 -28.32 5.91 22.87
N VAL A 96 -28.53 5.43 21.65
CA VAL A 96 -27.58 5.62 20.56
C VAL A 96 -27.15 7.07 20.46
N ASN A 97 -28.09 7.98 20.67
CA ASN A 97 -27.82 9.41 20.47
C ASN A 97 -26.80 10.01 21.44
N PHE A 98 -26.61 9.37 22.60
CA PHE A 98 -25.66 9.89 23.55
C PHE A 98 -24.23 9.69 23.06
N LYS A 99 -24.00 8.55 22.41
CA LYS A 99 -22.72 8.29 21.76
C LYS A 99 -22.44 9.31 20.69
N LEU A 100 -23.49 9.67 19.93
CA LEU A 100 -23.33 10.64 18.84
C LEU A 100 -23.00 12.03 19.37
N LEU A 101 -23.70 12.47 20.41
CA LEU A 101 -23.40 13.79 20.97
C LEU A 101 -21.99 13.80 21.56
N SER A 102 -21.59 12.68 22.18
CA SER A 102 -20.27 12.59 22.77
C SER A 102 -19.18 12.74 21.72
N HIS A 103 -19.32 12.00 20.62
CA HIS A 103 -18.37 12.13 19.50
C HIS A 103 -18.30 13.59 19.03
N CYS A 104 -19.44 14.23 18.86
CA CYS A 104 -19.45 15.64 18.45
C CYS A 104 -18.76 16.62 19.41
N LEU A 105 -18.86 16.36 20.71
CA LEU A 105 -18.15 17.14 21.72
C LEU A 105 -16.64 16.93 21.62
N LEU A 106 -16.22 15.69 21.43
CA LEU A 106 -14.80 15.41 21.28
C LEU A 106 -14.23 16.10 20.04
N VAL A 107 -14.98 16.07 18.95
CA VAL A 107 -14.57 16.72 17.70
C VAL A 107 -14.41 18.23 17.91
N THR A 108 -15.38 18.83 18.59
CA THR A 108 -15.32 20.25 18.90
C THR A 108 -14.08 20.60 19.71
N LEU A 109 -13.81 19.79 20.74
CA LEU A 109 -12.61 19.97 21.55
C LEU A 109 -11.35 19.78 20.74
N ALA A 110 -11.29 18.72 19.94
CA ALA A 110 -10.15 18.49 19.05
C ALA A 110 -9.90 19.71 18.14
N ALA A 111 -10.98 20.28 17.61
CA ALA A 111 -10.85 21.32 16.61
C ALA A 111 -10.40 22.64 17.23
N HIS A 112 -10.76 22.85 18.50
CA HIS A 112 -10.44 24.10 19.20
C HIS A 112 -9.18 24.02 20.06
N LEU A 113 -8.82 22.82 20.53
CA LEU A 113 -7.67 22.72 21.42
C LEU A 113 -6.68 21.63 21.02
N PRO A 114 -6.13 21.72 19.79
CA PRO A 114 -5.32 20.65 19.19
C PRO A 114 -4.18 20.20 20.09
N ALA A 115 -3.50 21.14 20.74
CA ALA A 115 -2.36 20.84 21.60
C ALA A 115 -2.78 20.16 22.89
N GLU A 116 -3.95 20.52 23.41
CA GLU A 116 -4.44 19.93 24.65
C GLU A 116 -4.96 18.53 24.44
N PHE A 117 -5.36 18.24 23.21
CA PHE A 117 -6.10 17.01 22.92
C PHE A 117 -5.17 15.83 22.60
N THR A 118 -4.28 15.52 23.52
CA THR A 118 -3.33 14.41 23.40
C THR A 118 -4.12 13.11 23.42
N PRO A 119 -3.50 11.99 23.01
CA PRO A 119 -4.19 10.69 23.06
C PRO A 119 -4.70 10.31 24.45
N ALA A 120 -3.88 10.53 25.48
CA ALA A 120 -4.28 10.24 26.86
C ALA A 120 -5.48 11.07 27.35
N VAL A 121 -5.45 12.38 27.09
CA VAL A 121 -6.58 13.25 27.41
C VAL A 121 -7.83 12.86 26.60
N HIS A 122 -7.62 12.47 25.35
CA HIS A 122 -8.71 12.00 24.50
C HIS A 122 -9.32 10.73 25.14
N ALA A 123 -8.48 9.84 25.64
CA ALA A 123 -8.98 8.64 26.33
C ALA A 123 -9.78 9.02 27.59
N SER A 124 -9.28 9.98 28.35
CA SER A 124 -9.96 10.41 29.56
C SER A 124 -11.30 11.05 29.26
N LEU A 125 -11.32 11.97 28.29
CA LEU A 125 -12.59 12.63 27.95
C LEU A 125 -13.63 11.65 27.44
N ASP A 126 -13.19 10.65 26.70
CA ASP A 126 -14.09 9.60 26.22
C ASP A 126 -14.74 8.80 27.35
N LYS A 127 -13.95 8.40 28.34
CA LYS A 127 -14.47 7.63 29.48
C LYS A 127 -15.42 8.50 30.29
N PHE A 128 -15.04 9.75 30.47
CA PHE A 128 -15.90 10.69 31.15
C PHE A 128 -17.25 10.84 30.39
N LEU A 129 -17.22 11.06 29.07
CA LEU A 129 -18.48 11.24 28.34
C LEU A 129 -19.32 9.96 28.34
N ALA A 130 -18.67 8.81 28.18
CA ALA A 130 -19.32 7.50 28.35
C ALA A 130 -20.01 7.37 29.72
N SER A 131 -19.34 7.80 30.79
CA SER A 131 -19.92 7.75 32.13
C SER A 131 -21.14 8.65 32.24
N VAL A 132 -21.02 9.88 31.74
CA VAL A 132 -22.15 10.80 31.74
C VAL A 132 -23.33 10.18 30.98
N SER A 133 -23.02 9.51 29.87
CA SER A 133 -24.06 8.90 29.03
C SER A 133 -24.75 7.76 29.75
N THR A 134 -23.95 6.92 30.40
CA THR A 134 -24.46 5.80 31.14
C THR A 134 -25.50 6.25 32.16
N VAL A 135 -25.13 7.27 32.94
CA VAL A 135 -26.04 7.86 33.91
C VAL A 135 -27.32 8.41 33.26
N LEU A 136 -27.18 9.09 32.13
CA LEU A 136 -28.34 9.69 31.46
C LEU A 136 -29.32 8.65 30.89
N THR A 137 -28.88 7.41 30.78
CA THR A 137 -29.72 6.34 30.23
C THR A 137 -30.08 5.31 31.29
N SER A 138 -29.71 5.59 32.54
CA SER A 138 -29.92 4.62 33.61
C SER A 138 -31.40 4.31 33.88
N LYS A 139 -32.31 5.23 33.54
CA LYS A 139 -33.74 4.95 33.76
C LYS A 139 -34.35 3.95 32.77
N TYR A 140 -33.58 3.55 31.77
CA TYR A 140 -34.04 2.55 30.80
C TYR A 140 -34.06 1.07 31.26
N ARG A 141 -32.98 0.50 31.80
CA ARG A 141 -31.63 1.08 31.83
C ARG A 141 -30.92 0.86 30.49
N HIS B 2 -24.78 6.48 -1.45
CA HIS B 2 -25.25 7.78 -1.90
C HIS B 2 -24.55 8.92 -1.18
N PHE B 3 -23.38 9.31 -1.67
CA PHE B 3 -22.80 10.59 -1.30
C PHE B 3 -23.49 11.64 -2.15
N THR B 4 -23.58 12.88 -1.67
CA THR B 4 -23.89 13.98 -2.57
C THR B 4 -22.60 14.41 -3.28
N GLU B 5 -22.72 15.17 -4.36
CA GLU B 5 -21.54 15.69 -5.03
C GLU B 5 -20.75 16.56 -4.07
N GLU B 6 -21.47 17.35 -3.26
CA GLU B 6 -20.84 18.25 -2.30
C GLU B 6 -19.99 17.50 -1.27
N ASP B 7 -20.51 16.38 -0.78
CA ASP B 7 -19.76 15.52 0.11
C ASP B 7 -18.50 15.00 -0.57
N LYS B 8 -18.64 14.56 -1.83
CA LYS B 8 -17.50 14.01 -2.57
C LYS B 8 -16.41 15.06 -2.78
N ALA B 9 -16.83 16.29 -3.07
CA ALA B 9 -15.90 17.40 -3.20
C ALA B 9 -15.11 17.63 -1.90
N THR B 10 -15.85 17.74 -0.81
CA THR B 10 -15.27 17.97 0.49
C THR B 10 -14.31 16.87 0.93
N ILE B 11 -14.71 15.62 0.76
CA ILE B 11 -13.84 14.50 1.07
C ILE B 11 -12.56 14.51 0.24
N THR B 12 -12.69 14.67 -1.09
CA THR B 12 -11.55 14.72 -2.00
C THR B 12 -10.61 15.89 -1.72
N SER B 13 -11.17 17.08 -1.56
CA SER B 13 -10.37 18.27 -1.26
C SER B 13 -9.60 18.17 0.08
N LEU B 14 -10.27 17.72 1.12
CA LEU B 14 -9.63 17.61 2.43
C LEU B 14 -8.57 16.51 2.45
N TRP B 15 -8.84 15.41 1.75
CA TRP B 15 -7.90 14.31 1.72
C TRP B 15 -6.62 14.70 1.03
N GLY B 16 -6.71 15.62 0.09
CA GLY B 16 -5.55 16.10 -0.62
C GLY B 16 -4.58 16.88 0.26
N LYS B 17 -5.05 17.38 1.39
CA LYS B 17 -4.18 18.15 2.28
C LYS B 17 -3.67 17.30 3.44
N VAL B 18 -4.05 16.03 3.47
CA VAL B 18 -3.68 15.15 4.56
C VAL B 18 -2.36 14.47 4.28
N ASN B 19 -1.47 14.44 5.27
CA ASN B 19 -0.31 13.56 5.19
C ASN B 19 -0.70 12.19 5.74
N VAL B 20 -0.89 11.24 4.81
CA VAL B 20 -1.46 9.94 5.10
C VAL B 20 -0.66 9.19 6.15
N GLU B 21 0.65 9.30 6.05
CA GLU B 21 1.58 8.69 7.00
C GLU B 21 1.29 9.11 8.44
N ASP B 22 1.33 10.41 8.72
CA ASP B 22 1.17 10.90 10.09
C ASP B 22 -0.26 10.72 10.63
N ALA B 23 -1.27 10.95 9.79
CA ALA B 23 -2.65 10.79 10.23
C ALA B 23 -3.00 9.32 10.46
N GLY B 24 -2.32 8.45 9.71
CA GLY B 24 -2.57 7.02 9.78
C GLY B 24 -2.10 6.44 11.11
N GLY B 25 -0.88 6.80 11.49
CA GLY B 25 -0.33 6.34 12.75
C GLY B 25 -1.06 6.94 13.94
N GLU B 26 -1.35 8.24 13.86
CA GLU B 26 -2.12 8.92 14.91
C GLU B 26 -3.47 8.24 15.10
N THR B 27 -4.13 7.92 13.99
CA THR B 27 -5.47 7.32 14.02
C THR B 27 -5.47 5.93 14.65
N LEU B 28 -4.57 5.06 14.21
CA LEU B 28 -4.49 3.71 14.77
C LEU B 28 -4.01 3.76 16.23
N GLY B 29 -3.12 4.70 16.54
CA GLY B 29 -2.65 4.87 17.89
C GLY B 29 -3.77 5.28 18.83
N ARG B 30 -4.52 6.31 18.46
CA ARG B 30 -5.63 6.75 19.27
C ARG B 30 -6.70 5.67 19.44
N LEU B 31 -6.94 4.88 18.40
CA LEU B 31 -7.94 3.82 18.50
C LEU B 31 -7.55 2.83 19.58
N LEU B 32 -6.28 2.41 19.58
CA LEU B 32 -5.78 1.44 20.53
C LEU B 32 -5.78 1.97 21.96
N VAL B 33 -5.51 3.26 22.12
CA VAL B 33 -5.49 3.90 23.44
C VAL B 33 -6.91 4.16 23.98
N VAL B 34 -7.79 4.65 23.10
CA VAL B 34 -9.11 5.09 23.50
C VAL B 34 -10.06 3.91 23.61
N TYR B 35 -9.80 2.84 22.85
CA TYR B 35 -10.66 1.66 22.89
C TYR B 35 -9.82 0.40 23.00
N PRO B 36 -9.35 0.10 24.22
CA PRO B 36 -8.34 -0.93 24.49
C PRO B 36 -8.74 -2.32 24.04
N TRP B 37 -10.03 -2.59 23.84
CA TRP B 37 -10.44 -3.93 23.40
C TRP B 37 -9.94 -4.23 22.00
N THR B 38 -9.73 -3.19 21.20
CA THR B 38 -9.18 -3.37 19.86
C THR B 38 -7.76 -3.87 19.85
N GLN B 39 -7.07 -3.75 20.99
CA GLN B 39 -5.70 -4.25 21.11
C GLN B 39 -5.61 -5.77 20.96
N ARG B 40 -6.72 -6.45 21.25
CA ARG B 40 -6.81 -7.90 21.11
C ARG B 40 -6.52 -8.37 19.69
N PHE B 41 -6.98 -7.61 18.69
CA PHE B 41 -6.69 -7.99 17.31
C PHE B 41 -5.23 -7.82 16.89
N PHE B 42 -4.44 -7.09 17.68
CA PHE B 42 -3.03 -6.85 17.33
C PHE B 42 -2.08 -7.45 18.36
N ASP B 43 -2.29 -8.72 18.69
CA ASP B 43 -1.46 -9.38 19.69
C ASP B 43 0.03 -9.33 19.34
N SER B 44 0.33 -9.38 18.05
CA SER B 44 1.70 -9.47 17.57
C SER B 44 2.52 -8.17 17.67
N PHE B 45 1.89 -7.07 18.05
CA PHE B 45 2.52 -5.74 17.92
C PHE B 45 3.51 -5.33 19.00
N GLY B 46 3.61 -6.11 20.07
CA GLY B 46 4.54 -5.81 21.13
C GLY B 46 3.97 -4.90 22.19
N ASN B 47 4.78 -3.93 22.62
CA ASN B 47 4.40 -3.07 23.74
C ASN B 47 3.23 -2.12 23.44
N LEU B 48 2.07 -2.45 24.02
CA LEU B 48 0.92 -1.57 23.95
C LEU B 48 0.43 -1.25 25.36
N SER B 49 1.34 -1.32 26.33
CA SER B 49 1.00 -1.19 27.74
C SER B 49 0.56 0.20 28.20
N SER B 50 0.82 1.22 27.39
CA SER B 50 0.43 2.59 27.75
C SER B 50 0.27 3.46 26.51
N ALA B 51 -0.40 4.60 26.68
CA ALA B 51 -0.57 5.57 25.60
C ALA B 51 0.77 5.90 24.95
N SER B 52 1.75 6.20 25.79
CA SER B 52 3.10 6.57 25.38
C SER B 52 3.74 5.48 24.53
N ALA B 53 3.74 4.26 25.06
CA ALA B 53 4.27 3.10 24.34
C ALA B 53 3.52 2.88 23.03
N ILE B 54 2.19 2.89 23.09
CA ILE B 54 1.37 2.72 21.89
C ILE B 54 1.69 3.75 20.81
N MET B 55 1.53 5.03 21.13
CA MET B 55 1.79 6.10 20.15
C MET B 55 3.23 6.10 19.64
N GLY B 56 4.15 5.48 20.38
CA GLY B 56 5.54 5.44 19.98
C GLY B 56 5.95 4.10 19.39
N ASN B 57 4.99 3.18 19.34
CA ASN B 57 5.27 1.83 18.88
C ASN B 57 5.47 1.83 17.35
N PRO B 58 6.66 1.47 16.88
CA PRO B 58 6.98 1.52 15.44
C PRO B 58 6.06 0.65 14.57
N LYS B 59 5.60 -0.50 15.07
CA LYS B 59 4.65 -1.33 14.34
C LYS B 59 3.25 -0.71 14.21
N VAL B 60 2.79 -0.05 15.27
CA VAL B 60 1.54 0.70 15.25
C VAL B 60 1.53 1.80 14.17
N LYS B 61 2.59 2.60 14.12
CA LYS B 61 2.75 3.61 13.08
C LYS B 61 2.76 3.00 11.67
N ALA B 62 3.56 1.95 11.46
CA ALA B 62 3.65 1.33 10.14
C ALA B 62 2.29 0.81 9.72
N HIS B 63 1.59 0.22 10.67
CA HIS B 63 0.29 -0.34 10.37
C HIS B 63 -0.78 0.71 10.08
N GLY B 64 -0.80 1.78 10.90
CA GLY B 64 -1.71 2.89 10.68
C GLY B 64 -1.52 3.52 9.31
N LYS B 65 -0.26 3.59 8.88
CA LYS B 65 0.10 4.07 7.53
C LYS B 65 -0.54 3.19 6.47
N LYS B 66 -0.33 1.88 6.56
CA LYS B 66 -0.91 0.94 5.59
C LYS B 66 -2.45 1.03 5.53
N MET B 67 -3.07 1.16 6.69
CA MET B 67 -4.53 1.28 6.77
C MET B 67 -5.08 2.52 6.07
N LEU B 68 -4.48 3.69 6.35
CA LEU B 68 -4.97 4.94 5.82
C LEU B 68 -4.57 5.09 4.37
N THR B 69 -3.51 4.41 3.94
CA THR B 69 -3.18 4.41 2.50
C THR B 69 -4.29 3.74 1.65
N SER B 70 -4.86 2.64 2.14
CA SER B 70 -5.93 1.98 1.38
C SER B 70 -7.20 2.82 1.42
N LEU B 71 -7.35 3.64 2.46
CA LEU B 71 -8.46 4.57 2.50
C LEU B 71 -8.29 5.62 1.39
N GLY B 72 -7.07 6.14 1.26
CA GLY B 72 -6.78 7.10 0.21
C GLY B 72 -7.06 6.55 -1.19
N ASP B 73 -6.71 5.29 -1.40
CA ASP B 73 -6.95 4.65 -2.69
C ASP B 73 -8.46 4.49 -2.97
N ALA B 74 -9.24 4.29 -1.91
CA ALA B 74 -10.68 4.18 -2.04
C ALA B 74 -11.33 5.53 -2.36
N ILE B 75 -10.77 6.60 -1.81
CA ILE B 75 -11.25 7.96 -2.04
C ILE B 75 -11.27 8.32 -3.54
N LYS B 76 -10.47 7.62 -4.35
CA LYS B 76 -10.50 7.79 -5.81
C LYS B 76 -11.78 7.29 -6.48
N HIS B 77 -12.51 6.41 -5.80
CA HIS B 77 -13.73 5.83 -6.35
C HIS B 77 -14.81 5.73 -5.29
N LEU B 78 -15.37 6.89 -4.95
CA LEU B 78 -16.31 7.02 -3.85
C LEU B 78 -17.68 6.44 -4.20
N ASP B 79 -17.96 6.32 -5.49
CA ASP B 79 -19.18 5.66 -5.96
C ASP B 79 -19.14 4.14 -5.80
N ASP B 80 -17.96 3.57 -5.63
CA ASP B 80 -17.84 2.12 -5.52
C ASP B 80 -16.91 1.68 -4.38
N LEU B 81 -17.19 2.15 -3.17
CA LEU B 81 -16.42 1.73 -1.99
C LEU B 81 -16.51 0.23 -1.78
N LYS B 82 -17.70 -0.33 -2.00
CA LYS B 82 -17.93 -1.74 -1.75
C LYS B 82 -17.00 -2.63 -2.58
N GLY B 83 -16.87 -2.33 -3.87
CA GLY B 83 -15.98 -3.07 -4.75
C GLY B 83 -14.52 -2.93 -4.36
N THR B 84 -14.12 -1.71 -4.02
CA THR B 84 -12.76 -1.42 -3.57
C THR B 84 -12.34 -2.20 -2.32
N PHE B 85 -13.23 -2.27 -1.34
CA PHE B 85 -12.92 -2.87 -0.06
C PHE B 85 -13.28 -4.34 0.02
N ALA B 86 -13.73 -4.90 -1.12
CA ALA B 86 -14.16 -6.29 -1.18
C ALA B 86 -13.14 -7.27 -0.60
N GLN B 87 -11.88 -7.17 -1.05
CA GLN B 87 -10.84 -8.07 -0.56
C GLN B 87 -10.48 -7.78 0.89
N LEU B 88 -10.46 -6.50 1.26
CA LEU B 88 -10.22 -6.12 2.63
C LEU B 88 -11.34 -6.59 3.54
N SER B 89 -12.57 -6.60 3.03
CA SER B 89 -13.70 -7.05 3.81
C SER B 89 -13.56 -8.55 4.13
N GLU B 90 -13.17 -9.33 3.14
CA GLU B 90 -12.95 -10.75 3.37
C GLU B 90 -11.82 -10.95 4.37
N LEU B 91 -10.79 -10.14 4.27
CA LEU B 91 -9.67 -10.26 5.20
C LEU B 91 -10.09 -9.99 6.65
N HIS B 92 -10.74 -8.86 6.89
CA HIS B 92 -11.13 -8.43 8.24
C HIS B 92 -12.22 -9.31 8.87
N CYS B 93 -13.10 -9.85 8.03
CA CYS B 93 -14.21 -10.61 8.56
C CYS B 93 -13.86 -12.10 8.64
N ASP B 94 -13.56 -12.71 7.50
CA ASP B 94 -13.28 -14.15 7.47
C ASP B 94 -12.01 -14.53 8.24
N LYS B 95 -10.91 -13.80 8.06
CA LYS B 95 -9.67 -14.17 8.72
C LYS B 95 -9.52 -13.60 10.14
N LEU B 96 -9.74 -12.31 10.31
CA LEU B 96 -9.47 -11.66 11.60
C LEU B 96 -10.66 -11.61 12.55
N HIS B 97 -11.86 -11.79 12.01
CA HIS B 97 -13.11 -11.67 12.78
C HIS B 97 -13.16 -10.35 13.55
N VAL B 98 -12.98 -9.26 12.81
CA VAL B 98 -13.10 -7.93 13.36
C VAL B 98 -14.58 -7.55 13.37
N ASP B 99 -15.10 -7.24 14.55
CA ASP B 99 -16.47 -6.77 14.70
C ASP B 99 -16.70 -5.54 13.85
N PRO B 100 -17.78 -5.54 13.04
CA PRO B 100 -18.10 -4.40 12.17
C PRO B 100 -18.25 -3.07 12.91
N GLU B 101 -18.68 -3.11 14.17
CA GLU B 101 -18.86 -1.89 14.96
C GLU B 101 -17.52 -1.19 15.13
N ASN B 102 -16.45 -1.98 15.15
CA ASN B 102 -15.11 -1.42 15.28
C ASN B 102 -14.76 -0.56 14.09
N PHE B 103 -15.35 -0.87 12.94
CA PHE B 103 -15.08 -0.08 11.73
C PHE B 103 -15.53 1.36 11.92
N LYS B 104 -16.73 1.55 12.47
CA LYS B 104 -17.21 2.88 12.82
C LYS B 104 -16.32 3.60 13.85
N LEU B 105 -15.91 2.91 14.91
CA LEU B 105 -15.02 3.48 15.91
C LEU B 105 -13.76 4.06 15.28
N LEU B 106 -13.17 3.30 14.36
CA LEU B 106 -11.94 3.75 13.69
C LEU B 106 -12.20 5.00 12.84
N GLY B 107 -13.32 4.99 12.11
CA GLY B 107 -13.70 6.16 11.33
C GLY B 107 -13.93 7.37 12.22
N ASN B 108 -14.57 7.15 13.37
CA ASN B 108 -14.82 8.26 14.30
C ASN B 108 -13.53 8.82 14.89
N VAL B 109 -12.58 7.94 15.16
CA VAL B 109 -11.25 8.39 15.60
C VAL B 109 -10.54 9.16 14.49
N LEU B 110 -10.64 8.66 13.26
CA LEU B 110 -10.07 9.40 12.12
C LEU B 110 -10.68 10.81 12.01
N VAL B 111 -11.99 10.91 12.24
CA VAL B 111 -12.64 12.20 12.17
C VAL B 111 -12.02 13.19 13.17
N THR B 112 -11.75 12.73 14.39
CA THR B 112 -11.15 13.58 15.42
C THR B 112 -9.71 13.99 15.08
N VAL B 113 -8.98 13.07 14.45
CA VAL B 113 -7.63 13.34 13.97
C VAL B 113 -7.67 14.41 12.87
N LEU B 114 -8.65 14.30 11.97
CA LEU B 114 -8.85 15.38 11.00
C LEU B 114 -9.20 16.69 11.71
N ALA B 115 -9.97 16.61 12.80
CA ALA B 115 -10.31 17.83 13.53
C ALA B 115 -9.06 18.46 14.17
N ILE B 116 -8.18 17.62 14.70
CA ILE B 116 -6.93 18.10 15.26
C ILE B 116 -6.09 18.80 14.19
N HIS B 117 -5.99 18.19 13.02
CA HIS B 117 -5.17 18.78 11.97
C HIS B 117 -5.73 20.06 11.32
N PHE B 118 -7.05 20.13 11.14
CA PHE B 118 -7.59 21.23 10.35
C PHE B 118 -8.19 22.34 11.19
N GLY B 119 -8.39 22.10 12.49
CA GLY B 119 -8.92 23.16 13.35
C GLY B 119 -10.30 23.63 12.90
N LYS B 120 -10.50 24.93 12.82
CA LYS B 120 -11.82 25.43 12.45
C LYS B 120 -12.16 25.31 10.95
N GLU B 121 -11.22 24.80 10.15
CA GLU B 121 -11.52 24.47 8.76
C GLU B 121 -12.41 23.22 8.73
N PHE B 122 -12.32 22.42 9.78
CA PHE B 122 -13.16 21.24 9.91
C PHE B 122 -14.52 21.70 10.48
N THR B 123 -15.29 22.38 9.66
CA THR B 123 -16.57 22.97 10.08
C THR B 123 -17.60 21.87 10.35
N PRO B 124 -18.74 22.22 10.96
CA PRO B 124 -19.78 21.20 11.07
C PRO B 124 -20.18 20.61 9.70
N GLU B 125 -20.22 21.42 8.66
CA GLU B 125 -20.57 20.96 7.31
C GLU B 125 -19.55 20.00 6.74
N VAL B 126 -18.28 20.34 6.92
CA VAL B 126 -17.19 19.49 6.47
C VAL B 126 -17.21 18.16 7.22
N GLN B 127 -17.54 18.21 8.51
CA GLN B 127 -17.60 17.00 9.31
C GLN B 127 -18.73 16.08 8.85
N ALA B 128 -19.87 16.67 8.48
CA ALA B 128 -21.01 15.87 8.03
C ALA B 128 -20.64 14.98 6.83
N SER B 129 -19.83 15.51 5.94
CA SER B 129 -19.41 14.74 4.76
C SER B 129 -18.51 13.57 5.15
N TRP B 130 -17.60 13.81 6.09
CA TRP B 130 -16.70 12.78 6.57
C TRP B 130 -17.40 11.70 7.37
N GLN B 131 -18.47 12.07 8.06
CA GLN B 131 -19.27 11.07 8.76
C GLN B 131 -19.94 10.13 7.76
N LYS B 132 -20.40 10.68 6.63
CA LYS B 132 -20.93 9.83 5.56
C LYS B 132 -19.85 8.88 5.06
N MET B 133 -18.63 9.41 4.93
CA MET B 133 -17.47 8.62 4.53
C MET B 133 -17.21 7.48 5.50
N VAL B 134 -17.31 7.76 6.79
CA VAL B 134 -17.12 6.76 7.85
C VAL B 134 -18.16 5.66 7.72
N THR B 135 -19.42 6.06 7.62
CA THR B 135 -20.52 5.14 7.42
C THR B 135 -20.33 4.30 6.15
N GLY B 136 -19.89 4.93 5.07
CA GLY B 136 -19.70 4.22 3.81
C GLY B 136 -18.57 3.21 3.87
N VAL B 137 -17.44 3.61 4.44
CA VAL B 137 -16.33 2.70 4.64
C VAL B 137 -16.71 1.51 5.53
N ALA B 138 -17.28 1.80 6.69
CA ALA B 138 -17.69 0.75 7.64
C ALA B 138 -18.61 -0.27 7.00
N SER B 139 -19.57 0.22 6.21
CA SER B 139 -20.50 -0.62 5.48
C SER B 139 -19.84 -1.45 4.36
N ALA B 140 -18.92 -0.85 3.61
CA ALA B 140 -18.22 -1.60 2.59
C ALA B 140 -17.35 -2.67 3.23
N LEU B 141 -16.78 -2.36 4.38
CA LEU B 141 -15.91 -3.31 5.09
C LEU B 141 -16.65 -4.40 5.82
N SER B 142 -17.89 -4.11 6.22
CA SER B 142 -18.75 -5.07 6.92
C SER B 142 -19.51 -5.92 5.94
N SER B 143 -19.33 -5.66 4.65
CA SER B 143 -20.10 -6.35 3.62
C SER B 143 -20.12 -7.88 3.77
N ARG B 144 -18.95 -8.46 4.05
CA ARG B 144 -18.83 -9.91 4.19
C ARG B 144 -19.30 -10.45 5.55
N TYR B 145 -20.29 -9.77 6.12
CA TYR B 145 -21.07 -10.31 7.22
C TYR B 145 -22.51 -10.49 6.72
N HIS B 146 -22.99 -9.46 6.03
CA HIS B 146 -24.33 -9.44 5.44
C HIS B 146 -25.42 -9.87 6.42
N VAL C 1 36.86 -3.85 -6.04
CA VAL C 1 37.27 -5.22 -6.34
C VAL C 1 36.54 -6.20 -5.43
N LEU C 2 37.10 -7.39 -5.27
CA LEU C 2 36.57 -8.38 -4.34
C LEU C 2 37.26 -8.28 -2.98
N SER C 3 36.47 -8.09 -1.93
CA SER C 3 36.99 -8.14 -0.57
C SER C 3 37.29 -9.60 -0.18
N PRO C 4 37.96 -9.82 0.96
CA PRO C 4 38.13 -11.16 1.53
C PRO C 4 36.81 -11.92 1.71
N ALA C 5 35.80 -11.25 2.28
CA ALA C 5 34.50 -11.86 2.47
C ALA C 5 33.90 -12.30 1.14
N ASP C 6 34.04 -11.45 0.13
CA ASP C 6 33.55 -11.78 -1.20
C ASP C 6 34.25 -13.02 -1.78
N LYS C 7 35.58 -13.06 -1.67
CA LYS C 7 36.34 -14.23 -2.15
C LYS C 7 35.87 -15.49 -1.45
N THR C 8 35.70 -15.41 -0.14
CA THR C 8 35.21 -16.55 0.64
C THR C 8 33.83 -17.00 0.16
N ASN C 9 32.94 -16.05 -0.08
CA ASN C 9 31.61 -16.36 -0.54
C ASN C 9 31.64 -17.03 -1.91
N VAL C 10 32.42 -16.45 -2.82
CA VAL C 10 32.47 -16.95 -4.18
C VAL C 10 33.04 -18.37 -4.18
N LYS C 11 34.15 -18.57 -3.48
CA LYS C 11 34.77 -19.89 -3.43
C LYS C 11 33.84 -20.97 -2.85
N ALA C 12 33.11 -20.61 -1.80
CA ALA C 12 32.19 -21.53 -1.15
C ALA C 12 31.00 -21.85 -2.06
N ALA C 13 30.38 -20.82 -2.60
CA ALA C 13 29.24 -20.98 -3.49
C ALA C 13 29.63 -21.82 -4.68
N TRP C 14 30.73 -21.44 -5.33
CA TRP C 14 31.17 -22.17 -6.51
C TRP C 14 31.60 -23.59 -6.13
N GLY C 15 32.02 -23.77 -4.88
CA GLY C 15 32.39 -25.09 -4.41
C GLY C 15 31.18 -26.01 -4.24
N LYS C 16 30.02 -25.42 -3.98
CA LYS C 16 28.80 -26.20 -3.79
C LYS C 16 28.18 -26.51 -5.14
N VAL C 17 28.61 -25.81 -6.17
CA VAL C 17 28.20 -26.10 -7.53
C VAL C 17 28.81 -27.44 -7.96
N GLY C 18 30.12 -27.52 -7.83
CA GLY C 18 30.85 -28.78 -7.98
C GLY C 18 30.80 -29.48 -9.33
N ALA C 19 30.30 -30.71 -9.32
CA ALA C 19 30.26 -31.54 -10.53
C ALA C 19 29.27 -31.00 -11.57
N HIS C 20 28.40 -30.08 -11.15
CA HIS C 20 27.33 -29.58 -12.00
C HIS C 20 27.69 -28.30 -12.74
N ALA C 21 28.93 -27.85 -12.60
CA ALA C 21 29.36 -26.60 -13.22
C ALA C 21 28.99 -26.53 -14.71
N GLY C 22 29.35 -27.56 -15.46
CA GLY C 22 29.04 -27.62 -16.87
C GLY C 22 27.55 -27.54 -17.17
N GLU C 23 26.76 -28.33 -16.46
CA GLU C 23 25.30 -28.35 -16.57
C GLU C 23 24.66 -26.99 -16.32
N TYR C 24 25.12 -26.32 -15.27
CA TYR C 24 24.64 -24.98 -14.94
C TYR C 24 25.03 -23.97 -16.03
N GLY C 25 26.25 -24.07 -16.54
CA GLY C 25 26.68 -23.23 -17.65
C GLY C 25 25.78 -23.39 -18.88
N ALA C 26 25.45 -24.62 -19.24
CA ALA C 26 24.54 -24.88 -20.35
C ALA C 26 23.13 -24.30 -20.08
N GLU C 27 22.65 -24.47 -18.85
CA GLU C 27 21.36 -23.90 -18.44
C GLU C 27 21.39 -22.38 -18.50
N ALA C 28 22.50 -21.77 -18.07
CA ALA C 28 22.59 -20.31 -18.12
C ALA C 28 22.53 -19.81 -19.57
N LEU C 29 23.27 -20.48 -20.44
CA LEU C 29 23.23 -20.18 -21.87
C LEU C 29 21.81 -20.34 -22.42
N GLU C 30 21.16 -21.46 -22.11
CA GLU C 30 19.79 -21.68 -22.56
C GLU C 30 18.88 -20.57 -22.05
N ARG C 31 19.03 -20.19 -20.78
CA ARG C 31 18.25 -19.08 -20.22
C ARG C 31 18.50 -17.77 -20.98
N MET C 32 19.75 -17.51 -21.31
CA MET C 32 20.08 -16.30 -22.05
C MET C 32 19.47 -16.27 -23.47
N PHE C 33 19.53 -17.38 -24.19
CA PHE C 33 19.00 -17.47 -25.56
C PHE C 33 17.48 -17.28 -25.61
N LEU C 34 16.76 -17.76 -24.60
CA LEU C 34 15.32 -17.62 -24.55
C LEU C 34 14.88 -16.25 -24.03
N SER C 35 15.50 -15.78 -22.96
CA SER C 35 15.13 -14.47 -22.41
C SER C 35 15.61 -13.28 -23.27
N PHE C 36 16.79 -13.40 -23.88
CA PHE C 36 17.37 -12.29 -24.66
C PHE C 36 17.81 -12.75 -26.04
N PRO C 37 16.84 -12.88 -26.96
CA PRO C 37 17.05 -13.56 -28.25
C PRO C 37 18.11 -12.93 -29.16
N THR C 38 18.38 -11.63 -29.01
CA THR C 38 19.46 -11.01 -29.80
C THR C 38 20.78 -11.74 -29.60
N THR C 39 20.97 -12.35 -28.44
CA THR C 39 22.23 -13.03 -28.16
C THR C 39 22.46 -14.24 -29.07
N LYS C 40 21.40 -14.79 -29.66
CA LYS C 40 21.59 -15.96 -30.51
C LYS C 40 22.43 -15.66 -31.75
N THR C 41 22.45 -14.40 -32.18
CA THR C 41 23.16 -14.04 -33.41
C THR C 41 24.67 -14.26 -33.32
N TYR C 42 25.20 -14.39 -32.10
CA TYR C 42 26.63 -14.67 -31.93
C TYR C 42 26.91 -16.14 -32.14
N PHE C 43 25.85 -16.95 -32.19
CA PHE C 43 26.00 -18.39 -32.40
C PHE C 43 25.22 -18.89 -33.64
N PRO C 44 25.52 -18.35 -34.82
CA PRO C 44 24.71 -18.55 -36.03
C PRO C 44 24.53 -19.99 -36.46
N HIS C 45 25.55 -20.84 -36.33
CA HIS C 45 25.37 -22.23 -36.69
C HIS C 45 25.51 -23.19 -35.52
N PHE C 46 25.06 -22.75 -34.35
CA PHE C 46 24.96 -23.64 -33.21
C PHE C 46 23.58 -24.23 -33.20
N ASP C 47 23.49 -25.49 -32.81
CA ASP C 47 22.22 -26.06 -32.41
C ASP C 47 21.86 -25.37 -31.09
N LEU C 48 20.80 -24.55 -31.10
CA LEU C 48 20.41 -23.81 -29.91
C LEU C 48 19.11 -24.36 -29.27
N SER C 49 18.68 -25.53 -29.72
CA SER C 49 17.50 -26.18 -29.17
C SER C 49 17.77 -26.68 -27.75
N HIS C 50 16.70 -26.92 -27.00
CA HIS C 50 16.82 -27.48 -25.66
C HIS C 50 17.50 -28.85 -25.70
N GLY C 51 18.45 -29.06 -24.81
CA GLY C 51 19.15 -30.34 -24.72
C GLY C 51 20.30 -30.44 -25.71
N SER C 52 20.55 -29.36 -26.44
CA SER C 52 21.56 -29.35 -27.50
C SER C 52 22.92 -29.79 -26.99
N ALA C 53 23.55 -30.73 -27.70
CA ALA C 53 24.88 -31.22 -27.37
C ALA C 53 25.90 -30.09 -27.48
N GLN C 54 25.70 -29.21 -28.44
CA GLN C 54 26.62 -28.11 -28.65
C GLN C 54 26.56 -27.09 -27.52
N VAL C 55 25.35 -26.73 -27.08
CA VAL C 55 25.20 -25.85 -25.92
C VAL C 55 25.79 -26.49 -24.65
N LYS C 56 25.58 -27.78 -24.46
CA LYS C 56 26.13 -28.48 -23.31
C LYS C 56 27.67 -28.45 -23.35
N GLY C 57 28.24 -28.69 -24.53
CA GLY C 57 29.67 -28.58 -24.71
C GLY C 57 30.13 -27.18 -24.39
N HIS C 58 29.37 -26.19 -24.84
CA HIS C 58 29.79 -24.82 -24.61
C HIS C 58 29.62 -24.32 -23.17
N GLY C 59 28.62 -24.84 -22.46
CA GLY C 59 28.38 -24.43 -21.08
C GLY C 59 29.52 -24.90 -20.19
N LYS C 60 30.07 -26.05 -20.56
CA LYS C 60 31.20 -26.65 -19.87
C LYS C 60 32.47 -25.80 -20.02
N LYS C 61 32.65 -25.20 -21.20
CA LYS C 61 33.79 -24.30 -21.41
C LYS C 61 33.69 -22.99 -20.62
N VAL C 62 32.49 -22.39 -20.60
CA VAL C 62 32.18 -21.23 -19.75
C VAL C 62 32.43 -21.56 -18.30
N ALA C 63 31.81 -22.64 -17.82
CA ALA C 63 31.97 -23.01 -16.41
C ALA C 63 33.43 -23.30 -16.03
N ASP C 64 34.18 -23.95 -16.91
CA ASP C 64 35.60 -24.15 -16.65
C ASP C 64 36.32 -22.82 -16.56
N ALA C 65 35.98 -21.87 -17.43
CA ALA C 65 36.62 -20.55 -17.40
C ALA C 65 36.31 -19.81 -16.10
N LEU C 66 35.05 -19.91 -15.66
CA LEU C 66 34.65 -19.36 -14.36
C LEU C 66 35.34 -20.05 -13.20
N THR C 67 35.58 -21.34 -13.34
CA THR C 67 36.23 -22.09 -12.28
C THR C 67 37.67 -21.62 -12.20
N ASN C 68 38.29 -21.44 -13.36
CA ASN C 68 39.67 -20.97 -13.39
C ASN C 68 39.78 -19.52 -12.87
N ALA C 69 38.76 -18.71 -13.18
CA ALA C 69 38.72 -17.34 -12.70
C ALA C 69 38.58 -17.28 -11.20
N VAL C 70 37.84 -18.24 -10.64
CA VAL C 70 37.69 -18.35 -9.19
C VAL C 70 39.03 -18.66 -8.55
N ALA C 71 39.80 -19.57 -9.17
CA ALA C 71 41.08 -19.98 -8.61
C ALA C 71 42.12 -18.87 -8.65
N HIS C 72 41.82 -17.81 -9.40
CA HIS C 72 42.73 -16.67 -9.54
C HIS C 72 42.05 -15.33 -9.32
N VAL C 73 41.19 -15.22 -8.30
CA VAL C 73 40.44 -13.98 -8.07
C VAL C 73 41.35 -12.76 -7.94
N ASP C 74 42.54 -12.96 -7.39
CA ASP C 74 43.48 -11.87 -7.21
C ASP C 74 44.10 -11.37 -8.51
N ASP C 75 44.15 -12.23 -9.53
CA ASP C 75 44.78 -11.86 -10.78
C ASP C 75 43.89 -12.24 -11.96
N MET C 76 42.61 -11.91 -11.84
CA MET C 76 41.66 -12.23 -12.91
C MET C 76 42.04 -11.71 -14.30
N PRO C 77 42.50 -10.44 -14.42
CA PRO C 77 42.82 -9.96 -15.77
C PRO C 77 43.79 -10.85 -16.53
N ASN C 78 44.74 -11.44 -15.81
CA ASN C 78 45.73 -12.33 -16.42
C ASN C 78 45.19 -13.74 -16.70
N ALA C 79 44.31 -14.24 -15.84
CA ALA C 79 43.69 -15.54 -16.07
C ALA C 79 42.84 -15.56 -17.35
N LEU C 80 42.06 -14.50 -17.57
CA LEU C 80 41.09 -14.47 -18.65
C LEU C 80 41.64 -13.82 -19.92
N SER C 81 42.97 -13.82 -20.05
CA SER C 81 43.63 -13.00 -21.06
C SER C 81 43.26 -13.31 -22.52
N ALA C 82 43.41 -14.57 -22.92
CA ALA C 82 43.01 -15.00 -24.26
C ALA C 82 41.51 -14.82 -24.52
N LEU C 83 40.70 -15.10 -23.51
CA LEU C 83 39.24 -14.94 -23.63
C LEU C 83 38.86 -13.47 -23.88
N SER C 84 39.62 -12.57 -23.29
CA SER C 84 39.37 -11.16 -23.50
C SER C 84 39.67 -10.77 -24.96
N ASP C 85 40.79 -11.22 -25.50
CA ASP C 85 41.11 -10.98 -26.89
C ASP C 85 40.04 -11.57 -27.78
N LEU C 86 39.65 -12.81 -27.49
CA LEU C 86 38.61 -13.49 -28.26
C LEU C 86 37.27 -12.74 -28.33
N HIS C 87 36.66 -12.43 -27.18
CA HIS C 87 35.34 -11.79 -27.17
C HIS C 87 35.27 -10.36 -27.77
N ALA C 88 36.31 -9.55 -27.58
CA ALA C 88 36.32 -8.19 -28.10
C ALA C 88 36.78 -8.10 -29.55
N HIS C 89 37.92 -8.71 -29.87
CA HIS C 89 38.51 -8.55 -31.18
C HIS C 89 37.93 -9.51 -32.20
N LYS C 90 37.74 -10.75 -31.80
CA LYS C 90 37.25 -11.76 -32.71
C LYS C 90 35.72 -11.72 -32.80
N LEU C 91 35.05 -12.01 -31.67
CA LEU C 91 33.60 -12.14 -31.68
C LEU C 91 32.87 -10.81 -31.66
N ARG C 92 33.55 -9.77 -31.20
CA ARG C 92 32.98 -8.43 -31.09
C ARG C 92 31.67 -8.43 -30.33
N VAL C 93 31.68 -9.13 -29.20
CA VAL C 93 30.53 -9.17 -28.29
C VAL C 93 30.29 -7.79 -27.70
N ASP C 94 29.05 -7.35 -27.77
CA ASP C 94 28.60 -6.10 -27.18
C ASP C 94 28.71 -6.22 -25.64
N PRO C 95 29.34 -5.23 -24.98
CA PRO C 95 29.49 -5.20 -23.52
C PRO C 95 28.19 -5.46 -22.79
N VAL C 96 27.11 -4.90 -23.32
CA VAL C 96 25.77 -5.12 -22.80
C VAL C 96 25.45 -6.60 -22.55
N ASN C 97 25.91 -7.49 -23.44
CA ASN C 97 25.57 -8.91 -23.32
C ASN C 97 26.18 -9.60 -22.08
N PHE C 98 27.21 -9.02 -21.49
CA PHE C 98 27.86 -9.68 -20.35
C PHE C 98 27.01 -9.64 -19.09
N LYS C 99 26.33 -8.51 -18.90
CA LYS C 99 25.30 -8.39 -17.87
C LYS C 99 24.18 -9.42 -18.06
N LEU C 100 23.83 -9.73 -19.30
CA LEU C 100 22.73 -10.67 -19.54
C LEU C 100 23.16 -12.09 -19.16
N LEU C 101 24.33 -12.51 -19.60
CA LEU C 101 24.82 -13.82 -19.22
C LEU C 101 25.03 -13.94 -17.70
N SER C 102 25.52 -12.88 -17.07
CA SER C 102 25.74 -12.89 -15.63
C SER C 102 24.43 -13.08 -14.87
N HIS C 103 23.40 -12.37 -15.31
CA HIS C 103 22.09 -12.44 -14.68
C HIS C 103 21.55 -13.86 -14.85
N CYS C 104 21.70 -14.41 -16.04
CA CYS C 104 21.24 -15.78 -16.24
C CYS C 104 21.98 -16.83 -15.38
N LEU C 105 23.29 -16.63 -15.17
CA LEU C 105 24.10 -17.47 -14.27
C LEU C 105 23.60 -17.38 -12.82
N LEU C 106 23.31 -16.17 -12.36
CA LEU C 106 22.80 -16.01 -11.01
C LEU C 106 21.44 -16.69 -10.86
N VAL C 107 20.58 -16.53 -11.87
CA VAL C 107 19.26 -17.13 -11.84
C VAL C 107 19.38 -18.64 -11.79
N THR C 108 20.33 -19.19 -12.57
CA THR C 108 20.59 -20.63 -12.58
C THR C 108 21.07 -21.12 -11.22
N LEU C 109 21.97 -20.38 -10.59
CA LEU C 109 22.48 -20.74 -9.28
C LEU C 109 21.39 -20.64 -8.23
N ALA C 110 20.56 -19.61 -8.32
CA ALA C 110 19.49 -19.42 -7.34
C ALA C 110 18.48 -20.58 -7.42
N ALA C 111 18.22 -21.06 -8.63
CA ALA C 111 17.25 -22.13 -8.81
C ALA C 111 17.76 -23.47 -8.25
N HIS C 112 19.06 -23.71 -8.37
CA HIS C 112 19.65 -24.99 -8.00
C HIS C 112 20.14 -25.00 -6.56
N LEU C 113 20.58 -23.86 -6.06
CA LEU C 113 21.17 -23.79 -4.72
C LEU C 113 20.47 -22.76 -3.83
N PRO C 114 19.15 -22.93 -3.60
CA PRO C 114 18.38 -21.85 -2.98
C PRO C 114 18.87 -21.47 -1.57
N ALA C 115 19.17 -22.45 -0.72
CA ALA C 115 19.57 -22.14 0.66
C ALA C 115 20.97 -21.50 0.75
N GLU C 116 21.85 -21.86 -0.19
CA GLU C 116 23.20 -21.27 -0.25
C GLU C 116 23.18 -19.84 -0.77
N PHE C 117 22.17 -19.53 -1.57
CA PHE C 117 22.11 -18.24 -2.26
C PHE C 117 21.51 -17.17 -1.33
N THR C 118 22.13 -16.98 -0.17
CA THR C 118 21.79 -15.90 0.75
C THR C 118 22.05 -14.57 0.06
N PRO C 119 21.50 -13.47 0.61
CA PRO C 119 21.72 -12.10 0.11
C PRO C 119 23.20 -11.67 0.03
N ALA C 120 23.99 -12.02 1.04
CA ALA C 120 25.42 -11.69 1.05
C ALA C 120 26.16 -12.44 -0.06
N VAL C 121 25.90 -13.74 -0.17
CA VAL C 121 26.43 -14.56 -1.26
C VAL C 121 25.97 -14.09 -2.66
N HIS C 122 24.68 -13.74 -2.78
CA HIS C 122 24.13 -13.14 -4.00
C HIS C 122 24.93 -11.88 -4.37
N ALA C 123 25.24 -11.07 -3.37
CA ALA C 123 26.01 -9.85 -3.59
C ALA C 123 27.46 -10.16 -4.05
N SER C 124 28.09 -11.14 -3.42
CA SER C 124 29.46 -11.50 -3.78
C SER C 124 29.52 -12.09 -5.18
N LEU C 125 28.60 -12.97 -5.50
CA LEU C 125 28.57 -13.59 -6.85
C LEU C 125 28.36 -12.54 -7.95
N ASP C 126 27.49 -11.59 -7.66
CA ASP C 126 27.21 -10.51 -8.60
C ASP C 126 28.46 -9.69 -8.85
N LYS C 127 29.20 -9.36 -7.78
CA LYS C 127 30.44 -8.59 -7.96
C LYS C 127 31.48 -9.37 -8.74
N PHE C 128 31.59 -10.66 -8.43
CA PHE C 128 32.52 -11.52 -9.14
C PHE C 128 32.23 -11.52 -10.66
N LEU C 129 30.97 -11.76 -11.02
CA LEU C 129 30.58 -11.80 -12.42
C LEU C 129 30.72 -10.43 -13.11
N ALA C 130 30.55 -9.35 -12.35
CA ALA C 130 30.84 -8.01 -12.87
C ALA C 130 32.34 -7.83 -13.17
N SER C 131 33.19 -8.38 -12.32
CA SER C 131 34.63 -8.31 -12.50
C SER C 131 35.05 -9.12 -13.73
N VAL C 132 34.53 -10.33 -13.84
CA VAL C 132 34.79 -11.13 -15.03
C VAL C 132 34.37 -10.36 -16.29
N SER C 133 33.22 -9.69 -16.22
CA SER C 133 32.69 -8.98 -17.38
C SER C 133 33.60 -7.83 -17.73
N THR C 134 33.99 -7.12 -16.68
CA THR C 134 34.91 -6.00 -16.83
C THR C 134 36.20 -6.42 -17.52
N VAL C 135 36.70 -7.58 -17.13
CA VAL C 135 37.90 -8.11 -17.76
C VAL C 135 37.66 -8.53 -19.22
N LEU C 136 36.49 -9.13 -19.50
CA LEU C 136 36.24 -9.65 -20.85
C LEU C 136 36.01 -8.54 -21.87
N THR C 137 35.72 -7.35 -21.37
CA THR C 137 35.50 -6.18 -22.20
C THR C 137 36.67 -5.18 -22.13
N SER C 138 37.76 -5.57 -21.48
CA SER C 138 38.90 -4.66 -21.33
C SER C 138 39.57 -4.32 -22.64
N LYS C 139 39.46 -5.17 -23.64
CA LYS C 139 40.16 -4.90 -24.90
C LYS C 139 39.47 -3.82 -25.72
N TYR C 140 38.23 -3.48 -25.36
CA TYR C 140 37.57 -2.32 -25.98
C TYR C 140 38.16 -1.00 -25.48
N ARG C 141 38.51 -0.95 -24.20
CA ARG C 141 39.06 0.27 -23.61
C ARG C 141 40.49 0.54 -24.06
N HIS D 2 5.04 -7.00 -26.00
CA HIS D 2 4.40 -7.94 -26.90
C HIS D 2 4.24 -9.30 -26.23
N PHE D 3 3.28 -9.39 -25.30
CA PHE D 3 2.99 -10.63 -24.61
C PHE D 3 2.12 -11.57 -25.44
N THR D 4 2.56 -12.82 -25.59
CA THR D 4 1.68 -13.90 -26.04
C THR D 4 0.76 -14.33 -24.88
N GLU D 5 -0.28 -15.10 -25.21
CA GLU D 5 -1.17 -15.64 -24.18
C GLU D 5 -0.43 -16.61 -23.26
N GLU D 6 0.45 -17.41 -23.82
CA GLU D 6 1.27 -18.32 -23.03
C GLU D 6 2.11 -17.58 -21.97
N ASP D 7 2.65 -16.41 -22.33
CA ASP D 7 3.36 -15.56 -21.38
C ASP D 7 2.45 -15.11 -20.25
N LYS D 8 1.27 -14.62 -20.62
CA LYS D 8 0.31 -14.17 -19.63
C LYS D 8 -0.13 -15.32 -18.74
N ALA D 9 -0.32 -16.51 -19.32
CA ALA D 9 -0.67 -17.69 -18.53
C ALA D 9 0.42 -17.99 -17.49
N THR D 10 1.67 -18.03 -17.93
CA THR D 10 2.80 -18.27 -17.03
C THR D 10 2.94 -17.22 -15.93
N ILE D 11 2.84 -15.94 -16.30
CA ILE D 11 2.98 -14.86 -15.35
C ILE D 11 1.86 -14.92 -14.29
N THR D 12 0.63 -15.08 -14.75
CA THR D 12 -0.51 -15.20 -13.86
C THR D 12 -0.38 -16.40 -12.93
N SER D 13 -0.05 -17.54 -13.50
CA SER D 13 0.05 -18.78 -12.73
C SER D 13 1.09 -18.70 -11.62
N LEU D 14 2.31 -18.34 -11.98
CA LEU D 14 3.36 -18.23 -10.99
C LEU D 14 3.02 -17.19 -9.94
N TRP D 15 2.44 -16.09 -10.38
CA TRP D 15 2.09 -15.03 -9.46
C TRP D 15 1.15 -15.54 -8.38
N GLY D 16 0.23 -16.40 -8.77
CA GLY D 16 -0.75 -16.94 -7.84
C GLY D 16 -0.16 -17.74 -6.70
N LYS D 17 0.97 -18.40 -6.94
CA LYS D 17 1.63 -19.22 -5.92
C LYS D 17 2.65 -18.43 -5.08
N VAL D 18 3.02 -17.24 -5.55
CA VAL D 18 3.97 -16.38 -4.85
C VAL D 18 3.36 -15.91 -3.53
N ASN D 19 4.14 -15.99 -2.45
CA ASN D 19 3.80 -15.29 -1.21
C ASN D 19 4.32 -13.86 -1.26
N VAL D 20 3.38 -12.92 -1.36
CA VAL D 20 3.69 -11.53 -1.66
C VAL D 20 4.48 -10.80 -0.59
N GLU D 21 4.10 -10.96 0.67
CA GLU D 21 4.85 -10.33 1.75
C GLU D 21 6.34 -10.66 1.73
N ASP D 22 6.65 -11.94 1.85
CA ASP D 22 8.04 -12.35 1.97
C ASP D 22 8.82 -12.21 0.65
N ALA D 23 8.16 -12.36 -0.48
CA ALA D 23 8.85 -12.16 -1.75
C ALA D 23 9.18 -10.68 -1.97
N GLY D 24 8.20 -9.81 -1.68
CA GLY D 24 8.37 -8.38 -1.91
C GLY D 24 9.48 -7.84 -1.02
N GLY D 25 9.39 -8.18 0.27
CA GLY D 25 10.43 -7.85 1.21
C GLY D 25 11.79 -8.44 0.86
N GLU D 26 11.79 -9.64 0.28
CA GLU D 26 13.03 -10.27 -0.13
C GLU D 26 13.64 -9.56 -1.32
N THR D 27 12.79 -9.07 -2.21
CA THR D 27 13.27 -8.46 -3.44
C THR D 27 13.87 -7.09 -3.13
N LEU D 28 13.16 -6.30 -2.35
CA LEU D 28 13.67 -4.97 -2.05
C LEU D 28 14.92 -5.04 -1.19
N GLY D 29 14.94 -5.97 -0.25
CA GLY D 29 16.12 -6.19 0.56
C GLY D 29 17.32 -6.57 -0.28
N ARG D 30 17.12 -7.47 -1.25
CA ARG D 30 18.25 -7.91 -2.07
C ARG D 30 18.79 -6.80 -2.97
N LEU D 31 17.90 -5.97 -3.48
CA LEU D 31 18.28 -4.83 -4.30
C LEU D 31 19.23 -3.91 -3.52
N LEU D 32 18.88 -3.63 -2.27
CA LEU D 32 19.66 -2.72 -1.43
C LEU D 32 21.02 -3.30 -1.03
N VAL D 33 21.09 -4.62 -0.88
CA VAL D 33 22.34 -5.32 -0.58
C VAL D 33 23.21 -5.49 -1.85
N VAL D 34 22.62 -6.08 -2.90
CA VAL D 34 23.36 -6.36 -4.11
C VAL D 34 23.75 -5.09 -4.88
N TYR D 35 22.88 -4.08 -4.88
CA TYR D 35 23.15 -2.81 -5.56
C TYR D 35 23.04 -1.63 -4.59
N PRO D 36 24.10 -1.38 -3.80
CA PRO D 36 24.07 -0.48 -2.64
C PRO D 36 23.79 0.99 -3.00
N TRP D 37 24.03 1.37 -4.25
CA TRP D 37 23.69 2.72 -4.72
C TRP D 37 22.19 3.02 -4.67
N THR D 38 21.36 1.98 -4.79
CA THR D 38 19.93 2.18 -4.67
C THR D 38 19.49 2.58 -3.26
N GLN D 39 20.39 2.44 -2.28
CA GLN D 39 20.08 2.87 -0.91
C GLN D 39 19.86 4.38 -0.79
N ARG D 40 20.48 5.16 -1.69
CA ARG D 40 20.42 6.61 -1.60
C ARG D 40 18.99 7.13 -1.81
N PHE D 41 18.12 6.27 -2.32
CA PHE D 41 16.71 6.63 -2.50
C PHE D 41 15.86 6.33 -1.24
N PHE D 42 16.41 5.61 -0.28
CA PHE D 42 15.64 5.26 0.91
C PHE D 42 16.33 5.77 2.19
N ASP D 43 16.59 7.07 2.24
CA ASP D 43 17.32 7.65 3.37
C ASP D 43 16.53 7.61 4.69
N SER D 44 15.21 7.75 4.60
CA SER D 44 14.38 7.80 5.80
C SER D 44 13.97 6.42 6.32
N PHE D 45 14.55 5.36 5.77
CA PHE D 45 14.12 4.00 6.13
C PHE D 45 14.87 3.45 7.32
N GLY D 46 15.76 4.25 7.88
CA GLY D 46 16.54 3.83 9.04
C GLY D 46 17.74 2.99 8.66
N ASN D 47 18.00 1.95 9.46
CA ASN D 47 19.23 1.16 9.37
C ASN D 47 19.42 0.30 8.12
N LEU D 48 20.31 0.76 7.25
CA LEU D 48 20.71 0.00 6.07
C LEU D 48 22.19 -0.30 6.11
N SER D 49 22.76 -0.32 7.31
CA SER D 49 24.21 -0.40 7.49
C SER D 49 24.85 -1.76 7.20
N SER D 50 24.04 -2.76 6.87
CA SER D 50 24.55 -4.09 6.56
C SER D 50 23.48 -4.99 5.97
N ALA D 51 23.92 -6.10 5.37
CA ALA D 51 23.03 -7.11 4.83
C ALA D 51 21.99 -7.53 5.86
N SER D 52 22.49 -7.92 7.03
CA SER D 52 21.64 -8.33 8.15
C SER D 52 20.62 -7.26 8.53
N ALA D 53 21.09 -6.04 8.75
CA ALA D 53 20.20 -4.93 9.08
C ALA D 53 19.19 -4.67 7.98
N ILE D 54 19.63 -4.66 6.72
CA ILE D 54 18.73 -4.43 5.61
C ILE D 54 17.67 -5.52 5.52
N MET D 55 18.09 -6.78 5.61
CA MET D 55 17.16 -7.89 5.53
C MET D 55 16.28 -8.03 6.79
N GLY D 56 16.64 -7.33 7.86
CA GLY D 56 15.83 -7.36 9.06
C GLY D 56 14.94 -6.14 9.22
N ASN D 57 15.12 -5.17 8.32
CA ASN D 57 14.49 -3.86 8.47
C ASN D 57 13.00 -3.90 8.12
N PRO D 58 12.14 -3.61 9.10
CA PRO D 58 10.68 -3.68 8.92
C PRO D 58 10.13 -2.76 7.80
N LYS D 59 10.68 -1.55 7.68
CA LYS D 59 10.24 -0.61 6.64
C LYS D 59 10.59 -1.07 5.23
N VAL D 60 11.75 -1.73 5.10
CA VAL D 60 12.16 -2.36 3.85
C VAL D 60 11.17 -3.43 3.45
N LYS D 61 10.86 -4.32 4.38
CA LYS D 61 9.86 -5.36 4.14
C LYS D 61 8.53 -4.78 3.69
N ALA D 62 8.04 -3.79 4.43
CA ALA D 62 6.72 -3.23 4.18
C ALA D 62 6.69 -2.57 2.82
N HIS D 63 7.77 -1.89 2.48
CA HIS D 63 7.78 -1.19 1.22
C HIS D 63 7.93 -2.14 0.04
N GLY D 64 8.63 -3.25 0.25
CA GLY D 64 8.81 -4.27 -0.78
C GLY D 64 7.49 -4.96 -1.09
N LYS D 65 6.71 -5.22 -0.04
CA LYS D 65 5.36 -5.75 -0.18
C LYS D 65 4.48 -4.80 -0.99
N LYS D 66 4.45 -3.52 -0.59
CA LYS D 66 3.71 -2.51 -1.34
C LYS D 66 4.13 -2.49 -2.82
N MET D 67 5.43 -2.62 -3.07
CA MET D 67 5.93 -2.67 -4.44
C MET D 67 5.39 -3.84 -5.23
N LEU D 68 5.52 -5.02 -4.66
CA LEU D 68 5.11 -6.25 -5.33
C LEU D 68 3.61 -6.35 -5.58
N THR D 69 2.78 -5.77 -4.70
CA THR D 69 1.34 -5.86 -4.92
C THR D 69 0.93 -4.93 -6.05
N SER D 70 1.67 -3.83 -6.21
CA SER D 70 1.43 -2.93 -7.33
C SER D 70 1.74 -3.66 -8.62
N LEU D 71 2.75 -4.52 -8.59
CA LEU D 71 3.10 -5.34 -9.73
C LEU D 71 2.03 -6.41 -9.94
N GLY D 72 1.48 -6.91 -8.85
CA GLY D 72 0.44 -7.92 -8.94
C GLY D 72 -0.84 -7.38 -9.55
N ASP D 73 -1.13 -6.12 -9.30
CA ASP D 73 -2.34 -5.50 -9.83
C ASP D 73 -2.20 -5.18 -11.31
N ALA D 74 -0.96 -4.97 -11.75
CA ALA D 74 -0.68 -4.76 -13.17
C ALA D 74 -0.74 -6.07 -13.93
N ILE D 75 -0.62 -7.17 -13.22
CA ILE D 75 -0.67 -8.50 -13.83
C ILE D 75 -2.06 -8.77 -14.41
N LYS D 76 -3.07 -8.15 -13.81
CA LYS D 76 -4.44 -8.27 -14.28
C LYS D 76 -4.67 -7.54 -15.61
N HIS D 77 -3.71 -6.70 -16.02
CA HIS D 77 -3.88 -5.87 -17.21
C HIS D 77 -2.60 -5.77 -17.99
N LEU D 78 -1.98 -6.91 -18.27
CA LEU D 78 -0.69 -7.02 -18.95
C LEU D 78 -0.63 -6.30 -20.29
N ASP D 79 -1.79 -6.06 -20.89
CA ASP D 79 -1.84 -5.40 -22.19
C ASP D 79 -1.71 -3.88 -22.06
N ASP D 80 -1.97 -3.34 -20.87
CA ASP D 80 -1.83 -1.90 -20.67
C ASP D 80 -0.99 -1.53 -19.44
N LEU D 81 0.25 -2.00 -19.41
CA LEU D 81 1.18 -1.67 -18.34
C LEU D 81 1.45 -0.16 -18.25
N LYS D 82 1.57 0.46 -19.42
CA LYS D 82 1.84 1.88 -19.55
C LYS D 82 0.79 2.71 -18.81
N GLY D 83 -0.49 2.45 -19.10
CA GLY D 83 -1.58 3.12 -18.41
C GLY D 83 -1.58 2.85 -16.92
N THR D 84 -1.51 1.58 -16.53
CA THR D 84 -1.47 1.19 -15.12
C THR D 84 -0.38 1.93 -14.32
N PHE D 85 0.79 2.11 -14.93
CA PHE D 85 1.93 2.66 -14.21
C PHE D 85 2.18 4.14 -14.43
N ALA D 86 1.25 4.81 -15.10
CA ALA D 86 1.42 6.23 -15.42
C ALA D 86 1.69 7.12 -14.20
N GLN D 87 0.90 6.95 -13.13
CA GLN D 87 1.09 7.77 -11.91
C GLN D 87 2.32 7.36 -11.10
N LEU D 88 2.66 6.08 -11.15
CA LEU D 88 3.87 5.61 -10.49
C LEU D 88 5.10 6.08 -11.26
N SER D 89 4.98 6.18 -12.57
CA SER D 89 6.06 6.69 -13.41
C SER D 89 6.38 8.14 -13.04
N GLU D 90 5.33 8.96 -12.94
CA GLU D 90 5.48 10.35 -12.51
C GLU D 90 6.16 10.46 -11.15
N LEU D 91 5.76 9.61 -10.22
CA LEU D 91 6.32 9.66 -8.87
C LEU D 91 7.81 9.32 -8.87
N HIS D 92 8.19 8.26 -9.57
CA HIS D 92 9.59 7.81 -9.62
C HIS D 92 10.50 8.69 -10.49
N CYS D 93 9.96 9.21 -11.58
CA CYS D 93 10.79 9.94 -12.53
C CYS D 93 10.79 11.46 -12.26
N ASP D 94 9.60 12.04 -12.17
CA ASP D 94 9.49 13.49 -11.93
C ASP D 94 9.91 13.88 -10.51
N LYS D 95 9.63 13.02 -9.54
CA LYS D 95 9.90 13.37 -8.15
C LYS D 95 11.18 12.76 -7.55
N LEU D 96 11.29 11.43 -7.56
CA LEU D 96 12.43 10.77 -6.93
C LEU D 96 13.66 10.74 -7.82
N HIS D 97 13.46 10.91 -9.13
CA HIS D 97 14.53 10.77 -10.11
C HIS D 97 15.28 9.46 -9.96
N VAL D 98 14.54 8.36 -9.95
CA VAL D 98 15.14 7.05 -10.01
C VAL D 98 15.61 6.86 -11.46
N ASP D 99 16.82 6.34 -11.65
CA ASP D 99 17.27 6.04 -13.01
C ASP D 99 16.48 4.88 -13.61
N PRO D 100 16.01 5.04 -14.85
CA PRO D 100 15.25 4.01 -15.57
C PRO D 100 15.95 2.66 -15.58
N GLU D 101 17.28 2.66 -15.61
CA GLU D 101 18.05 1.42 -15.53
C GLU D 101 17.85 0.67 -14.20
N ASN D 102 17.64 1.40 -13.10
CA ASN D 102 17.32 0.76 -11.82
C ASN D 102 16.01 -0.01 -11.83
N PHE D 103 15.12 0.30 -12.77
CA PHE D 103 13.87 -0.45 -12.84
C PHE D 103 14.16 -1.85 -13.33
N LYS D 104 15.05 -1.96 -14.30
CA LYS D 104 15.49 -3.27 -14.78
C LYS D 104 16.23 -4.07 -13.70
N LEU D 105 17.10 -3.42 -12.94
CA LEU D 105 17.81 -4.11 -11.86
C LEU D 105 16.86 -4.75 -10.87
N LEU D 106 15.83 -4.01 -10.46
CA LEU D 106 14.87 -4.51 -9.50
C LEU D 106 14.08 -5.69 -10.08
N GLY D 107 13.78 -5.62 -11.37
CA GLY D 107 13.02 -6.68 -12.01
C GLY D 107 13.85 -7.93 -12.05
N ASN D 108 15.14 -7.77 -12.30
CA ASN D 108 16.04 -8.91 -12.33
C ASN D 108 16.30 -9.50 -10.96
N VAL D 109 16.24 -8.69 -9.92
CA VAL D 109 16.37 -9.23 -8.59
C VAL D 109 15.11 -10.02 -8.28
N LEU D 110 13.96 -9.52 -8.75
CA LEU D 110 12.70 -10.22 -8.60
C LEU D 110 12.75 -11.60 -9.25
N VAL D 111 13.30 -11.65 -10.45
CA VAL D 111 13.41 -12.90 -11.16
C VAL D 111 14.27 -13.91 -10.37
N THR D 112 15.37 -13.44 -9.79
CA THR D 112 16.22 -14.32 -8.99
C THR D 112 15.49 -14.80 -7.73
N VAL D 113 14.66 -13.94 -7.14
CA VAL D 113 13.86 -14.33 -5.97
C VAL D 113 12.82 -15.39 -6.33
N LEU D 114 12.22 -15.26 -7.51
CA LEU D 114 11.30 -16.29 -7.99
C LEU D 114 12.03 -17.61 -8.25
N ALA D 115 13.26 -17.52 -8.77
CA ALA D 115 14.06 -18.74 -8.99
C ALA D 115 14.37 -19.43 -7.66
N ILE D 116 14.77 -18.63 -6.67
CA ILE D 116 14.98 -19.14 -5.32
C ILE D 116 13.76 -19.88 -4.81
N HIS D 117 12.60 -19.27 -4.96
CA HIS D 117 11.37 -19.83 -4.36
CA HIS D 117 11.37 -19.83 -4.36
C HIS D 117 10.83 -21.04 -5.14
N PHE D 118 11.04 -21.07 -6.45
CA PHE D 118 10.41 -22.09 -7.30
C PHE D 118 11.33 -23.21 -7.81
N GLY D 119 12.64 -23.04 -7.66
CA GLY D 119 13.57 -24.08 -8.07
C GLY D 119 13.40 -24.49 -9.53
N LYS D 120 13.34 -25.78 -9.80
CA LYS D 120 13.30 -26.27 -11.18
C LYS D 120 11.98 -26.02 -11.92
N GLU D 121 10.97 -25.56 -11.20
CA GLU D 121 9.76 -25.06 -11.83
C GLU D 121 10.03 -23.77 -12.59
N PHE D 122 11.03 -23.00 -12.15
CA PHE D 122 11.41 -21.79 -12.87
C PHE D 122 12.34 -22.14 -14.04
N THR D 123 11.74 -22.76 -15.05
CA THR D 123 12.43 -23.16 -16.28
C THR D 123 12.89 -21.96 -17.12
N PRO D 124 13.81 -22.17 -18.05
CA PRO D 124 14.17 -21.07 -18.95
C PRO D 124 12.95 -20.52 -19.70
N GLU D 125 12.00 -21.39 -20.05
CA GLU D 125 10.75 -20.91 -20.69
C GLU D 125 9.92 -20.01 -19.78
N VAL D 126 9.70 -20.42 -18.54
CA VAL D 126 8.98 -19.59 -17.58
C VAL D 126 9.72 -18.27 -17.28
N GLN D 127 11.03 -18.35 -17.11
CA GLN D 127 11.84 -17.14 -16.90
C GLN D 127 11.68 -16.12 -18.04
N ALA D 128 11.74 -16.58 -19.28
CA ALA D 128 11.65 -15.67 -20.42
C ALA D 128 10.33 -14.90 -20.42
N SER D 129 9.25 -15.54 -19.97
CA SER D 129 7.97 -14.86 -19.82
C SER D 129 8.07 -13.78 -18.79
N TRP D 130 8.75 -14.09 -17.68
CA TRP D 130 9.00 -13.10 -16.64
C TRP D 130 9.91 -11.95 -17.07
N GLN D 131 10.86 -12.22 -17.96
CA GLN D 131 11.75 -11.16 -18.44
C GLN D 131 10.96 -10.17 -19.29
N LYS D 132 9.99 -10.67 -20.05
CA LYS D 132 9.12 -9.80 -20.82
C LYS D 132 8.36 -8.90 -19.85
N MET D 133 7.92 -9.48 -18.73
CA MET D 133 7.27 -8.71 -17.69
C MET D 133 8.20 -7.63 -17.13
N VAL D 134 9.42 -8.03 -16.78
CA VAL D 134 10.42 -7.08 -16.28
C VAL D 134 10.59 -5.90 -17.23
N THR D 135 10.76 -6.20 -18.51
CA THR D 135 11.03 -5.18 -19.50
C THR D 135 9.83 -4.26 -19.70
N GLY D 136 8.65 -4.85 -19.78
CA GLY D 136 7.43 -4.09 -19.96
C GLY D 136 7.18 -3.14 -18.80
N VAL D 137 7.45 -3.62 -17.59
CA VAL D 137 7.24 -2.81 -16.40
C VAL D 137 8.23 -1.63 -16.33
N ALA D 138 9.51 -1.91 -16.60
CA ALA D 138 10.55 -0.88 -16.67
C ALA D 138 10.25 0.19 -17.72
N SER D 139 9.83 -0.26 -18.90
CA SER D 139 9.45 0.65 -19.96
C SER D 139 8.27 1.55 -19.53
N ALA D 140 7.30 0.96 -18.82
CA ALA D 140 6.14 1.71 -18.38
C ALA D 140 6.51 2.69 -17.27
N LEU D 141 7.39 2.27 -16.38
CA LEU D 141 7.84 3.16 -15.30
C LEU D 141 8.75 4.29 -15.79
N SER D 142 9.49 4.03 -16.88
CA SER D 142 10.38 5.03 -17.47
C SER D 142 9.63 6.03 -18.31
N SER D 143 8.34 5.81 -18.49
CA SER D 143 7.54 6.60 -19.42
C SER D 143 7.67 8.11 -19.23
N ARG D 144 7.76 8.58 -18.00
CA ARG D 144 7.91 10.02 -17.78
C ARG D 144 9.34 10.52 -18.01
N TYR D 145 10.13 9.73 -18.73
CA TYR D 145 11.32 10.20 -19.42
C TYR D 145 11.00 10.11 -20.92
N HIS D 146 10.77 8.87 -21.38
CA HIS D 146 10.35 8.56 -22.75
C HIS D 146 11.30 9.03 -23.86
N VAL E 1 -33.41 1.14 37.15
CA VAL E 1 -33.67 0.34 38.35
C VAL E 1 -34.73 -0.71 38.08
N LEU E 2 -34.59 -1.86 38.73
CA LEU E 2 -35.55 -2.95 38.53
C LEU E 2 -36.73 -2.85 39.50
N SER E 3 -37.94 -2.86 38.95
CA SER E 3 -39.18 -2.79 39.74
C SER E 3 -39.40 -4.11 40.52
N PRO E 4 -40.40 -4.13 41.44
CA PRO E 4 -40.59 -5.39 42.15
C PRO E 4 -41.01 -6.51 41.21
N ALA E 5 -41.86 -6.20 40.24
CA ALA E 5 -42.30 -7.21 39.28
C ALA E 5 -41.15 -7.70 38.40
N ASP E 6 -40.16 -6.84 38.15
CA ASP E 6 -38.95 -7.23 37.40
C ASP E 6 -38.15 -8.30 38.13
N LYS E 7 -37.88 -8.06 39.42
CA LYS E 7 -37.18 -9.03 40.24
C LYS E 7 -37.98 -10.31 40.33
N THR E 8 -39.29 -10.18 40.51
CA THR E 8 -40.19 -11.33 40.56
C THR E 8 -40.14 -12.13 39.24
N ASN E 9 -40.26 -11.43 38.11
CA ASN E 9 -40.14 -12.09 36.80
C ASN E 9 -38.79 -12.78 36.55
N VAL E 10 -37.69 -12.10 36.88
CA VAL E 10 -36.36 -12.66 36.66
C VAL E 10 -36.19 -13.93 37.48
N LYS E 11 -36.57 -13.87 38.74
CA LYS E 11 -36.47 -15.03 39.63
C LYS E 11 -37.40 -16.17 39.20
N ALA E 12 -38.64 -15.84 38.84
CA ALA E 12 -39.56 -16.81 38.27
C ALA E 12 -38.97 -17.49 37.04
N ALA E 13 -38.53 -16.70 36.07
CA ALA E 13 -37.98 -17.24 34.83
C ALA E 13 -36.79 -18.15 35.08
N TRP E 14 -35.91 -17.76 35.99
CA TRP E 14 -34.72 -18.55 36.25
C TRP E 14 -35.06 -19.86 36.96
N GLY E 15 -36.19 -19.89 37.66
CA GLY E 15 -36.66 -21.10 38.31
C GLY E 15 -37.24 -22.10 37.31
N LYS E 16 -37.83 -21.58 36.23
CA LYS E 16 -38.42 -22.39 35.18
C LYS E 16 -37.34 -23.07 34.33
N VAL E 17 -36.15 -22.49 34.31
CA VAL E 17 -34.99 -23.12 33.68
C VAL E 17 -34.70 -24.50 34.30
N GLY E 18 -34.96 -24.65 35.60
CA GLY E 18 -34.80 -25.94 36.25
C GLY E 18 -33.35 -26.36 36.26
N ALA E 19 -33.07 -27.60 35.90
CA ALA E 19 -31.69 -28.12 35.94
C ALA E 19 -30.88 -27.86 34.68
N HIS E 20 -31.36 -26.98 33.82
CA HIS E 20 -30.73 -26.79 32.52
C HIS E 20 -29.93 -25.50 32.38
N ALA E 21 -29.67 -24.82 33.48
CA ALA E 21 -28.98 -23.53 33.45
C ALA E 21 -27.59 -23.62 32.82
N GLY E 22 -26.83 -24.64 33.20
CA GLY E 22 -25.52 -24.87 32.61
C GLY E 22 -25.63 -25.18 31.13
N GLU E 23 -26.54 -26.09 30.80
CA GLU E 23 -26.87 -26.41 29.42
C GLU E 23 -27.29 -25.18 28.59
N TYR E 24 -28.12 -24.30 29.17
CA TYR E 24 -28.60 -23.13 28.45
C TYR E 24 -27.50 -22.08 28.31
N GLY E 25 -26.67 -21.95 29.33
CA GLY E 25 -25.50 -21.10 29.24
C GLY E 25 -24.57 -21.51 28.11
N ALA E 26 -24.36 -22.81 27.94
CA ALA E 26 -23.46 -23.29 26.89
C ALA E 26 -24.06 -23.09 25.50
N GLU E 27 -25.37 -23.27 25.39
CA GLU E 27 -26.07 -23.06 24.13
C GLU E 27 -26.08 -21.59 23.73
N ALA E 28 -26.23 -20.71 24.71
CA ALA E 28 -26.16 -19.28 24.41
C ALA E 28 -24.78 -18.94 23.84
N LEU E 29 -23.72 -19.48 24.43
CA LEU E 29 -22.38 -19.24 23.94
C LEU E 29 -22.25 -19.76 22.53
N GLU E 30 -22.72 -20.99 22.30
CA GLU E 30 -22.63 -21.59 20.98
C GLU E 30 -23.42 -20.80 19.94
N ARG E 31 -24.61 -20.33 20.32
CA ARG E 31 -25.39 -19.46 19.44
C ARG E 31 -24.61 -18.17 19.13
N MET E 32 -23.99 -17.59 20.15
CA MET E 32 -23.24 -16.36 19.94
C MET E 32 -22.04 -16.61 19.01
N PHE E 33 -21.39 -17.77 19.15
CA PHE E 33 -20.26 -18.11 18.29
C PHE E 33 -20.65 -18.33 16.82
N LEU E 34 -21.84 -18.88 16.57
CA LEU E 34 -22.32 -19.05 15.18
C LEU E 34 -22.81 -17.75 14.51
N SER E 35 -23.63 -16.97 15.23
CA SER E 35 -24.20 -15.76 14.67
C SER E 35 -23.23 -14.58 14.67
N PHE E 36 -22.27 -14.59 15.58
CA PHE E 36 -21.37 -13.44 15.73
C PHE E 36 -19.93 -13.87 15.95
N PRO E 37 -19.28 -14.40 14.89
CA PRO E 37 -17.91 -14.89 14.97
C PRO E 37 -16.90 -13.95 15.65
N THR E 38 -17.17 -12.65 15.64
CA THR E 38 -16.25 -11.70 16.26
C THR E 38 -16.04 -11.97 17.75
N THR E 39 -17.01 -12.64 18.38
CA THR E 39 -16.91 -12.97 19.79
C THR E 39 -15.91 -14.10 20.05
N LYS E 40 -15.69 -14.96 19.06
CA LYS E 40 -14.69 -16.02 19.19
C LYS E 40 -13.26 -15.53 19.48
N THR E 41 -12.90 -14.34 19.01
CA THR E 41 -11.54 -13.82 19.20
C THR E 41 -11.23 -13.46 20.64
N TYR E 42 -12.27 -13.41 21.49
CA TYR E 42 -12.05 -13.25 22.91
C TYR E 42 -11.58 -14.58 23.54
N PHE E 43 -11.73 -15.69 22.84
CA PHE E 43 -11.39 -17.01 23.42
C PHE E 43 -10.21 -17.75 22.75
N PRO E 44 -9.04 -17.12 22.64
CA PRO E 44 -7.91 -17.69 21.89
C PRO E 44 -7.49 -19.08 22.36
N HIS E 45 -7.63 -19.35 23.65
CA HIS E 45 -7.15 -20.61 24.21
C HIS E 45 -8.29 -21.56 24.51
N PHE E 46 -9.34 -21.48 23.71
CA PHE E 46 -10.50 -22.33 23.85
C PHE E 46 -10.69 -23.17 22.59
N ASP E 47 -11.07 -24.43 22.78
CA ASP E 47 -11.67 -25.20 21.70
C ASP E 47 -13.14 -24.77 21.60
N LEU E 48 -13.50 -24.17 20.47
CA LEU E 48 -14.83 -23.58 20.31
C LEU E 48 -15.71 -24.38 19.36
N SER E 49 -15.19 -25.52 18.89
CA SER E 49 -15.96 -26.43 18.05
C SER E 49 -17.29 -26.84 18.69
N HIS E 50 -18.24 -27.26 17.85
CA HIS E 50 -19.56 -27.69 18.33
C HIS E 50 -19.45 -28.92 19.24
N GLY E 51 -20.07 -28.83 20.41
CA GLY E 51 -20.04 -29.93 21.35
C GLY E 51 -18.87 -29.88 22.32
N SER E 52 -18.03 -28.85 22.18
CA SER E 52 -16.83 -28.67 23.00
C SER E 52 -17.10 -28.74 24.52
N ALA E 53 -16.17 -29.35 25.24
CA ALA E 53 -16.29 -29.52 26.70
C ALA E 53 -15.87 -28.24 27.41
N GLN E 54 -14.99 -27.48 26.76
CA GLN E 54 -14.61 -26.17 27.27
C GLN E 54 -15.76 -25.17 27.18
N VAL E 55 -16.53 -25.24 26.10
CA VAL E 55 -17.71 -24.41 25.97
C VAL E 55 -18.74 -24.83 27.03
N LYS E 56 -18.96 -26.14 27.15
CA LYS E 56 -19.87 -26.69 28.17
C LYS E 56 -19.50 -26.22 29.56
N GLY E 57 -18.21 -26.31 29.89
CA GLY E 57 -17.71 -25.84 31.17
C GLY E 57 -17.84 -24.34 31.36
N HIS E 58 -17.60 -23.56 30.32
CA HIS E 58 -17.72 -22.12 30.47
C HIS E 58 -19.19 -21.68 30.61
N GLY E 59 -20.11 -22.41 29.97
CA GLY E 59 -21.54 -22.11 30.10
C GLY E 59 -22.04 -22.25 31.54
N LYS E 60 -21.55 -23.28 32.21
CA LYS E 60 -21.90 -23.50 33.62
C LYS E 60 -21.40 -22.33 34.49
N LYS E 61 -20.17 -21.87 34.23
CA LYS E 61 -19.65 -20.68 34.91
C LYS E 61 -20.51 -19.43 34.65
N VAL E 62 -20.87 -19.20 33.39
CA VAL E 62 -21.71 -18.05 33.08
C VAL E 62 -23.07 -18.20 33.77
N ALA E 63 -23.65 -19.39 33.69
CA ALA E 63 -24.95 -19.64 34.31
C ALA E 63 -24.87 -19.50 35.83
N ASP E 64 -23.76 -19.94 36.42
CA ASP E 64 -23.53 -19.77 37.85
C ASP E 64 -23.48 -18.32 38.27
N ALA E 65 -22.81 -17.48 37.49
CA ALA E 65 -22.68 -16.07 37.83
C ALA E 65 -24.03 -15.42 37.68
N LEU E 66 -24.79 -15.84 36.66
CA LEU E 66 -26.15 -15.32 36.44
C LEU E 66 -27.08 -15.71 37.58
N THR E 67 -27.03 -16.98 37.97
CA THR E 67 -27.73 -17.44 39.17
C THR E 67 -27.35 -16.63 40.41
N ASN E 68 -26.05 -16.35 40.57
CA ASN E 68 -25.58 -15.53 41.67
C ASN E 68 -26.15 -14.11 41.60
N ALA E 69 -26.18 -13.57 40.40
CA ALA E 69 -26.71 -12.22 40.18
C ALA E 69 -28.22 -12.15 40.45
N VAL E 70 -28.97 -13.16 40.02
CA VAL E 70 -30.40 -13.25 40.31
C VAL E 70 -30.65 -13.26 41.83
N ALA E 71 -29.78 -13.95 42.57
CA ALA E 71 -29.91 -14.02 44.02
C ALA E 71 -29.71 -12.67 44.70
N HIS E 72 -29.04 -11.74 44.02
CA HIS E 72 -28.72 -10.45 44.64
C HIS E 72 -29.03 -9.25 43.75
N VAL E 73 -30.21 -9.26 43.13
CA VAL E 73 -30.65 -8.19 42.24
C VAL E 73 -30.61 -6.81 42.92
N ASP E 74 -30.75 -6.81 44.24
CA ASP E 74 -30.82 -5.57 45.02
C ASP E 74 -29.48 -4.85 45.09
N ASP E 75 -28.39 -5.60 45.21
CA ASP E 75 -27.06 -4.98 45.25
C ASP E 75 -26.12 -5.64 44.24
N MET E 76 -26.57 -5.65 42.99
CA MET E 76 -25.84 -6.26 41.89
C MET E 76 -24.42 -5.72 41.61
N PRO E 77 -24.23 -4.38 41.62
CA PRO E 77 -22.88 -3.86 41.36
C PRO E 77 -21.82 -4.47 42.27
N ASN E 78 -22.26 -4.91 43.45
CA ASN E 78 -21.37 -5.51 44.44
C ASN E 78 -21.18 -7.01 44.22
N ALA E 79 -22.28 -7.71 43.96
CA ALA E 79 -22.25 -9.16 43.75
C ALA E 79 -21.36 -9.55 42.56
N LEU E 80 -21.28 -8.66 41.57
CA LEU E 80 -20.50 -8.90 40.37
C LEU E 80 -19.22 -8.06 40.35
N SER E 81 -19.00 -7.30 41.42
CA SER E 81 -17.89 -6.36 41.50
C SER E 81 -16.56 -7.02 41.12
N ALA E 82 -16.44 -8.31 41.41
CA ALA E 82 -15.25 -9.07 41.10
C ALA E 82 -15.14 -9.29 39.61
N LEU E 83 -16.23 -9.76 39.01
CA LEU E 83 -16.29 -10.03 37.58
C LEU E 83 -16.04 -8.77 36.75
N SER E 84 -16.48 -7.63 37.30
CA SER E 84 -16.40 -6.34 36.62
C SER E 84 -14.96 -5.96 36.30
N ASP E 85 -14.06 -6.26 37.23
CA ASP E 85 -12.65 -5.97 37.03
C ASP E 85 -12.01 -6.90 36.00
N LEU E 86 -12.43 -8.17 36.00
CA LEU E 86 -11.88 -9.14 35.06
C LEU E 86 -12.25 -8.85 33.60
N HIS E 87 -13.53 -8.60 33.33
CA HIS E 87 -13.98 -8.35 31.96
C HIS E 87 -13.51 -7.00 31.46
N ALA E 88 -13.80 -5.94 32.21
CA ALA E 88 -13.46 -4.58 31.78
C ALA E 88 -11.95 -4.30 31.74
N HIS E 89 -11.27 -4.54 32.84
CA HIS E 89 -9.89 -4.09 32.98
C HIS E 89 -8.86 -5.09 32.45
N LYS E 90 -9.14 -6.38 32.59
CA LYS E 90 -8.16 -7.41 32.30
C LYS E 90 -8.30 -8.06 30.91
N LEU E 91 -9.50 -8.52 30.60
CA LEU E 91 -9.77 -9.15 29.30
C LEU E 91 -9.98 -8.09 28.24
N ARG E 92 -10.47 -6.93 28.69
CA ARG E 92 -10.80 -5.81 27.83
C ARG E 92 -11.83 -6.24 26.77
N VAL E 93 -13.08 -6.32 27.22
CA VAL E 93 -14.20 -6.75 26.37
C VAL E 93 -14.96 -5.52 25.89
N ASP E 94 -15.27 -5.45 24.60
CA ASP E 94 -16.05 -4.36 24.00
C ASP E 94 -17.39 -4.31 24.68
N PRO E 95 -17.76 -3.16 25.27
CA PRO E 95 -19.05 -3.01 25.96
C PRO E 95 -20.21 -3.34 25.02
N VAL E 96 -19.94 -3.28 23.72
CA VAL E 96 -20.93 -3.63 22.69
C VAL E 96 -21.23 -5.14 22.60
N ASN E 97 -20.23 -6.01 22.82
CA ASN E 97 -20.48 -7.45 22.69
C ASN E 97 -21.30 -8.08 23.83
N PHE E 98 -21.58 -7.31 24.86
CA PHE E 98 -22.39 -7.84 25.95
C PHE E 98 -23.81 -7.99 25.48
N LYS E 99 -24.21 -7.12 24.55
CA LYS E 99 -25.52 -7.16 23.93
C LYS E 99 -25.70 -8.44 23.10
N LEU E 100 -24.62 -8.92 22.49
CA LEU E 100 -24.72 -10.10 21.65
C LEU E 100 -24.99 -11.33 22.49
N LEU E 101 -24.26 -11.48 23.60
CA LEU E 101 -24.49 -12.60 24.49
C LEU E 101 -25.88 -12.52 25.15
N SER E 102 -26.31 -11.30 25.48
CA SER E 102 -27.62 -11.08 26.07
C SER E 102 -28.73 -11.51 25.13
N HIS E 103 -28.62 -11.11 23.86
CA HIS E 103 -29.55 -11.56 22.83
C HIS E 103 -29.58 -13.09 22.76
N CYS E 104 -28.41 -13.71 22.67
CA CYS E 104 -28.35 -15.17 22.56
C CYS E 104 -28.92 -15.93 23.74
N LEU E 105 -28.77 -15.38 24.95
CA LEU E 105 -29.36 -15.98 26.14
C LEU E 105 -30.90 -15.90 26.07
N LEU E 106 -31.42 -14.72 25.67
CA LEU E 106 -32.86 -14.55 25.54
C LEU E 106 -33.44 -15.47 24.46
N VAL E 107 -32.74 -15.60 23.33
CA VAL E 107 -33.16 -16.53 22.28
C VAL E 107 -33.22 -17.96 22.82
N THR E 108 -32.16 -18.39 23.50
CA THR E 108 -32.16 -19.71 24.13
C THR E 108 -33.33 -19.89 25.09
N LEU E 109 -33.63 -18.88 25.89
CA LEU E 109 -34.71 -19.02 26.87
C LEU E 109 -36.05 -19.08 26.16
N ALA E 110 -36.24 -18.22 25.15
CA ALA E 110 -37.43 -18.24 24.33
C ALA E 110 -37.65 -19.61 23.73
N ALA E 111 -36.58 -20.20 23.21
CA ALA E 111 -36.67 -21.45 22.46
C ALA E 111 -37.03 -22.62 23.37
N HIS E 112 -36.70 -22.49 24.65
CA HIS E 112 -36.91 -23.59 25.58
C HIS E 112 -38.11 -23.37 26.50
N LEU E 113 -38.42 -22.13 26.84
CA LEU E 113 -39.58 -21.87 27.71
C LEU E 113 -40.62 -20.94 27.08
N PRO E 114 -41.24 -21.37 25.97
CA PRO E 114 -42.15 -20.48 25.22
C PRO E 114 -43.30 -19.95 26.06
N ALA E 115 -43.88 -20.80 26.90
CA ALA E 115 -44.99 -20.39 27.77
C ALA E 115 -44.56 -19.34 28.79
N GLU E 116 -43.32 -19.44 29.27
CA GLU E 116 -42.85 -18.56 30.33
C GLU E 116 -42.32 -17.24 29.80
N PHE E 117 -41.97 -17.22 28.52
CA PHE E 117 -41.31 -16.07 27.93
C PHE E 117 -42.32 -15.03 27.44
N THR E 118 -43.18 -14.57 28.34
CA THR E 118 -44.15 -13.53 28.03
C THR E 118 -43.44 -12.19 27.79
N PRO E 119 -44.14 -11.22 27.19
CA PRO E 119 -43.58 -9.89 26.98
C PRO E 119 -43.01 -9.25 28.23
N ALA E 120 -43.79 -9.23 29.30
CA ALA E 120 -43.35 -8.70 30.58
C ALA E 120 -42.07 -9.37 31.09
N VAL E 121 -41.99 -10.70 30.96
CA VAL E 121 -40.82 -11.43 31.41
C VAL E 121 -39.61 -11.13 30.50
N HIS E 122 -39.88 -11.03 29.20
CA HIS E 122 -38.87 -10.65 28.22
C HIS E 122 -38.31 -9.25 28.54
N ALA E 123 -39.16 -8.30 28.92
CA ALA E 123 -38.66 -6.96 29.22
C ALA E 123 -37.83 -7.02 30.50
N SER E 124 -38.32 -7.76 31.48
CA SER E 124 -37.63 -7.88 32.75
C SER E 124 -36.28 -8.57 32.55
N LEU E 125 -36.28 -9.64 31.77
CA LEU E 125 -35.02 -10.32 31.50
C LEU E 125 -34.04 -9.42 30.74
N ASP E 126 -34.54 -8.61 29.81
CA ASP E 126 -33.64 -7.73 29.05
C ASP E 126 -33.02 -6.63 29.91
N LYS E 127 -33.83 -6.00 30.77
CA LYS E 127 -33.33 -5.00 31.73
C LYS E 127 -32.34 -5.67 32.66
N PHE E 128 -32.63 -6.91 33.05
CA PHE E 128 -31.74 -7.65 33.94
C PHE E 128 -30.38 -7.86 33.28
N LEU E 129 -30.38 -8.42 32.07
CA LEU E 129 -29.13 -8.64 31.36
C LEU E 129 -28.40 -7.31 31.03
N ALA E 130 -29.14 -6.24 30.76
CA ALA E 130 -28.50 -4.93 30.54
C ALA E 130 -27.82 -4.40 31.81
N SER E 131 -28.48 -4.56 32.95
CA SER E 131 -27.92 -4.10 34.22
C SER E 131 -26.66 -4.89 34.54
N VAL E 132 -26.71 -6.20 34.29
CA VAL E 132 -25.55 -7.05 34.43
C VAL E 132 -24.43 -6.55 33.54
N SER E 133 -24.76 -6.26 32.28
CA SER E 133 -23.78 -5.77 31.32
C SER E 133 -23.12 -4.47 31.77
N THR E 134 -23.92 -3.49 32.18
CA THR E 134 -23.41 -2.18 32.61
C THR E 134 -22.50 -2.32 33.82
N VAL E 135 -22.87 -3.23 34.72
CA VAL E 135 -22.02 -3.57 35.86
C VAL E 135 -20.68 -4.12 35.39
N LEU E 136 -20.69 -4.98 34.39
CA LEU E 136 -19.44 -5.56 33.88
C LEU E 136 -18.67 -4.61 32.97
N THR E 137 -19.24 -3.44 32.69
CA THR E 137 -18.54 -2.45 31.88
C THR E 137 -18.19 -1.20 32.66
N SER E 138 -19.11 -0.75 33.51
CA SER E 138 -18.89 0.43 34.35
C SER E 138 -18.38 0.00 35.72
N HIS F 2 -24.62 -12.01 0.84
CA HIS F 2 -24.00 -13.33 0.99
C HIS F 2 -24.96 -14.29 1.71
N PHE F 3 -26.14 -14.49 1.12
CA PHE F 3 -27.00 -15.56 1.59
C PHE F 3 -26.52 -16.87 0.96
N THR F 4 -26.01 -17.78 1.79
CA THR F 4 -25.63 -19.09 1.30
C THR F 4 -26.88 -19.89 0.88
N GLU F 5 -26.65 -20.98 0.14
CA GLU F 5 -27.71 -21.89 -0.25
C GLU F 5 -28.54 -22.39 0.94
N GLU F 6 -27.87 -22.85 2.00
CA GLU F 6 -28.60 -23.27 3.19
C GLU F 6 -29.40 -22.13 3.82
N ASP F 7 -28.80 -20.93 3.89
CA ASP F 7 -29.47 -19.74 4.45
C ASP F 7 -30.82 -19.53 3.80
N LYS F 8 -30.80 -19.41 2.47
CA LYS F 8 -32.00 -19.24 1.66
C LYS F 8 -33.02 -20.33 1.93
N ALA F 9 -32.56 -21.58 1.98
CA ALA F 9 -33.40 -22.75 2.18
C ALA F 9 -34.04 -22.73 3.56
N THR F 10 -33.23 -22.46 4.58
CA THR F 10 -33.74 -22.37 5.95
C THR F 10 -34.77 -21.24 6.11
N ILE F 11 -34.43 -20.06 5.58
CA ILE F 11 -35.29 -18.88 5.72
C ILE F 11 -36.63 -19.07 4.98
N THR F 12 -36.60 -19.71 3.81
CA THR F 12 -37.83 -19.94 3.06
C THR F 12 -38.75 -20.95 3.75
N SER F 13 -38.14 -22.03 4.24
CA SER F 13 -38.88 -23.04 4.99
C SER F 13 -39.58 -22.48 6.23
N LEU F 14 -38.85 -21.80 7.09
CA LEU F 14 -39.44 -21.30 8.32
C LEU F 14 -40.52 -20.24 8.08
N TRP F 15 -40.31 -19.41 7.07
CA TRP F 15 -41.27 -18.36 6.77
C TRP F 15 -42.59 -18.93 6.29
N GLY F 16 -42.54 -20.12 5.69
CA GLY F 16 -43.75 -20.78 5.25
C GLY F 16 -44.59 -21.20 6.45
N LYS F 17 -43.91 -21.59 7.53
CA LYS F 17 -44.60 -22.11 8.72
C LYS F 17 -45.07 -20.99 9.66
N VAL F 18 -44.57 -19.78 9.43
CA VAL F 18 -44.89 -18.62 10.26
C VAL F 18 -46.30 -18.06 10.02
N ASN F 19 -47.02 -17.79 11.10
CA ASN F 19 -48.28 -17.05 11.04
C ASN F 19 -47.94 -15.57 11.15
N VAL F 20 -48.00 -14.87 10.02
CA VAL F 20 -47.52 -13.50 9.92
C VAL F 20 -48.23 -12.51 10.84
N GLU F 21 -49.56 -12.57 10.90
CA GLU F 21 -50.33 -11.69 11.78
C GLU F 21 -49.89 -11.83 13.24
N ASP F 22 -49.73 -13.08 13.69
CA ASP F 22 -49.39 -13.31 15.08
C ASP F 22 -47.94 -12.96 15.41
N ALA F 23 -46.99 -13.31 14.54
CA ALA F 23 -45.59 -12.96 14.78
C ALA F 23 -45.39 -11.46 14.70
N GLY F 24 -46.10 -10.82 13.77
CA GLY F 24 -45.97 -9.39 13.55
C GLY F 24 -46.39 -8.54 14.75
N GLY F 25 -47.58 -8.82 15.27
CA GLY F 25 -48.09 -8.10 16.41
C GLY F 25 -47.22 -8.37 17.62
N GLU F 26 -46.85 -9.63 17.80
CA GLU F 26 -45.98 -10.02 18.90
C GLU F 26 -44.64 -9.29 18.80
N THR F 27 -44.14 -9.14 17.58
CA THR F 27 -42.81 -8.58 17.38
C THR F 27 -42.78 -7.09 17.68
N LEU F 28 -43.69 -6.36 17.05
CA LEU F 28 -43.79 -4.93 17.28
C LEU F 28 -44.12 -4.63 18.75
N GLY F 29 -45.07 -5.38 19.30
CA GLY F 29 -45.41 -5.23 20.69
C GLY F 29 -44.22 -5.41 21.62
N ARG F 30 -43.44 -6.47 21.43
CA ARG F 30 -42.26 -6.66 22.27
C ARG F 30 -41.21 -5.57 22.08
N LEU F 31 -41.04 -5.09 20.85
CA LEU F 31 -40.14 -3.94 20.66
C LEU F 31 -40.56 -2.76 21.56
N LEU F 32 -41.85 -2.47 21.58
CA LEU F 32 -42.35 -1.32 22.32
C LEU F 32 -42.20 -1.48 23.84
N VAL F 33 -42.37 -2.70 24.33
CA VAL F 33 -42.22 -3.00 25.77
C VAL F 33 -40.75 -3.05 26.23
N VAL F 34 -39.91 -3.73 25.45
CA VAL F 34 -38.52 -3.91 25.83
C VAL F 34 -37.67 -2.64 25.64
N TYR F 35 -37.92 -1.90 24.56
CA TYR F 35 -37.15 -0.70 24.21
C TYR F 35 -38.03 0.54 24.18
N PRO F 36 -38.37 1.08 25.36
CA PRO F 36 -39.39 2.12 25.53
C PRO F 36 -39.20 3.38 24.66
N TRP F 37 -37.97 3.79 24.38
CA TRP F 37 -37.78 4.96 23.50
C TRP F 37 -38.47 4.80 22.13
N THR F 38 -38.64 3.57 21.65
CA THR F 38 -39.24 3.37 20.33
C THR F 38 -40.69 3.79 20.29
N GLN F 39 -41.27 4.01 21.46
CA GLN F 39 -42.67 4.43 21.53
C GLN F 39 -42.86 5.85 21.05
N ARG F 40 -41.77 6.59 20.91
CA ARG F 40 -41.84 7.97 20.43
C ARG F 40 -42.40 8.07 19.00
N PHE F 41 -42.17 7.04 18.18
CA PHE F 41 -42.64 7.03 16.80
C PHE F 41 -44.08 6.56 16.67
N PHE F 42 -44.66 6.07 17.76
CA PHE F 42 -45.99 5.50 17.72
C PHE F 42 -46.93 6.16 18.73
N ASP F 43 -46.81 7.47 18.89
CA ASP F 43 -47.65 8.21 19.84
C ASP F 43 -49.15 8.05 19.59
N SER F 44 -49.54 8.02 18.32
CA SER F 44 -50.95 8.01 17.98
C SER F 44 -51.66 6.67 18.20
N PHE F 45 -50.91 5.64 18.60
CA PHE F 45 -51.50 4.31 18.76
C PHE F 45 -52.26 4.17 20.09
N GLY F 46 -52.27 5.23 20.88
CA GLY F 46 -52.96 5.21 22.16
C GLY F 46 -52.07 4.78 23.33
N ASN F 47 -52.67 4.05 24.26
CA ASN F 47 -52.02 3.65 25.51
C ASN F 47 -50.88 2.63 25.30
N LEU F 48 -49.64 3.06 25.49
CA LEU F 48 -48.48 2.18 25.36
C LEU F 48 -47.67 2.09 26.67
N SER F 49 -48.38 2.15 27.79
CA SER F 49 -47.74 2.32 29.10
C SER F 49 -47.18 1.05 29.75
N SER F 50 -47.62 -0.12 29.32
CA SER F 50 -47.13 -1.36 29.95
C SER F 50 -47.25 -2.54 29.00
N ALA F 51 -46.67 -3.67 29.38
CA ALA F 51 -46.83 -4.90 28.61
C ALA F 51 -48.30 -5.21 28.29
N SER F 52 -49.16 -5.17 29.31
CA SER F 52 -50.57 -5.47 29.10
C SER F 52 -51.26 -4.50 28.12
N ALA F 53 -51.00 -3.19 28.27
CA ALA F 53 -51.65 -2.23 27.40
C ALA F 53 -51.13 -2.36 25.96
N ILE F 54 -49.83 -2.52 25.80
CA ILE F 54 -49.19 -2.58 24.49
C ILE F 54 -49.60 -3.83 23.73
N MET F 55 -49.54 -4.97 24.41
CA MET F 55 -49.81 -6.24 23.73
C MET F 55 -51.27 -6.46 23.33
N GLY F 56 -52.21 -5.79 24.00
CA GLY F 56 -53.62 -5.91 23.66
C GLY F 56 -54.13 -4.77 22.77
N ASN F 57 -53.22 -3.91 22.33
CA ASN F 57 -53.58 -2.73 21.55
C ASN F 57 -53.80 -3.11 20.08
N PRO F 58 -55.01 -2.86 19.57
CA PRO F 58 -55.36 -3.27 18.19
C PRO F 58 -54.50 -2.58 17.13
N LYS F 59 -54.12 -1.33 17.35
CA LYS F 59 -53.29 -0.61 16.39
C LYS F 59 -51.88 -1.16 16.32
N VAL F 60 -51.37 -1.61 17.47
CA VAL F 60 -50.08 -2.27 17.51
C VAL F 60 -50.16 -3.59 16.76
N LYS F 61 -51.22 -4.35 17.00
CA LYS F 61 -51.41 -5.62 16.32
C LYS F 61 -51.42 -5.46 14.79
N ALA F 62 -52.30 -4.58 14.30
CA ALA F 62 -52.43 -4.31 12.87
C ALA F 62 -51.10 -3.89 12.25
N HIS F 63 -50.45 -2.94 12.88
CA HIS F 63 -49.25 -2.40 12.31
C HIS F 63 -48.06 -3.37 12.24
N GLY F 64 -47.91 -4.21 13.26
CA GLY F 64 -46.85 -5.21 13.25
C GLY F 64 -47.08 -6.22 12.14
N LYS F 65 -48.35 -6.53 11.90
CA LYS F 65 -48.71 -7.41 10.81
C LYS F 65 -48.30 -6.80 9.47
N LYS F 66 -48.49 -5.50 9.35
CA LYS F 66 -48.06 -4.76 8.17
C LYS F 66 -46.52 -4.77 8.03
N MET F 67 -45.82 -4.64 9.15
CA MET F 67 -44.36 -4.69 9.15
C MET F 67 -43.90 -6.00 8.60
N LEU F 68 -44.48 -7.06 9.15
CA LEU F 68 -43.96 -8.38 8.93
C LEU F 68 -44.23 -8.88 7.52
N THR F 69 -45.36 -8.48 6.94
CA THR F 69 -45.69 -8.93 5.58
C THR F 69 -44.71 -8.37 4.55
N SER F 70 -44.25 -7.13 4.75
CA SER F 70 -43.32 -6.53 3.80
C SER F 70 -41.96 -7.23 3.91
N LEU F 71 -41.71 -7.84 5.05
CA LEU F 71 -40.51 -8.62 5.24
C LEU F 71 -40.65 -9.93 4.45
N GLY F 72 -41.87 -10.45 4.42
CA GLY F 72 -42.16 -11.67 3.70
C GLY F 72 -41.98 -11.52 2.19
N ASP F 73 -42.07 -10.29 1.70
CA ASP F 73 -41.85 -10.00 0.30
C ASP F 73 -40.39 -10.22 -0.06
N ALA F 74 -39.52 -9.75 0.82
CA ALA F 74 -38.09 -9.87 0.66
C ALA F 74 -37.60 -11.31 0.58
N ILE F 75 -38.24 -12.20 1.35
CA ILE F 75 -37.85 -13.62 1.40
C ILE F 75 -38.04 -14.34 0.06
N LYS F 76 -38.96 -13.84 -0.75
CA LYS F 76 -39.11 -14.37 -2.10
C LYS F 76 -37.94 -13.95 -3.00
N HIS F 77 -37.27 -12.86 -2.63
CA HIS F 77 -36.20 -12.31 -3.48
C HIS F 77 -35.00 -11.87 -2.64
N LEU F 78 -34.33 -12.85 -2.03
CA LEU F 78 -33.33 -12.59 -1.01
C LEU F 78 -32.06 -11.95 -1.56
N ASP F 79 -31.84 -12.09 -2.86
CA ASP F 79 -30.63 -11.58 -3.47
C ASP F 79 -30.66 -10.07 -3.69
N ASP F 80 -31.85 -9.49 -3.77
CA ASP F 80 -31.97 -8.04 -3.93
C ASP F 80 -32.78 -7.39 -2.82
N LEU F 81 -32.36 -7.62 -1.57
CA LEU F 81 -33.02 -7.02 -0.42
C LEU F 81 -33.06 -5.51 -0.54
N LYS F 82 -31.98 -4.95 -1.08
CA LYS F 82 -31.80 -3.50 -1.20
C LYS F 82 -32.92 -2.93 -2.07
N GLY F 83 -33.19 -3.58 -3.19
CA GLY F 83 -34.24 -3.15 -4.09
C GLY F 83 -35.60 -3.14 -3.43
N THR F 84 -36.00 -4.29 -2.88
CA THR F 84 -37.29 -4.46 -2.23
C THR F 84 -37.61 -3.37 -1.21
N PHE F 85 -36.62 -3.04 -0.38
CA PHE F 85 -36.79 -2.13 0.74
C PHE F 85 -36.42 -0.68 0.42
N ALA F 86 -36.16 -0.38 -0.84
CA ALA F 86 -35.69 0.93 -1.23
C ALA F 86 -36.66 2.08 -0.89
N GLN F 87 -37.96 1.82 -1.03
CA GLN F 87 -38.98 2.84 -0.77
C GLN F 87 -39.32 2.95 0.71
N LEU F 88 -39.26 1.82 1.42
CA LEU F 88 -39.46 1.82 2.86
C LEU F 88 -38.28 2.50 3.54
N SER F 89 -37.12 2.48 2.89
CA SER F 89 -35.96 3.16 3.43
C SER F 89 -36.21 4.66 3.43
N GLU F 90 -36.58 5.19 2.27
CA GLU F 90 -36.89 6.62 2.16
C GLU F 90 -37.96 7.02 3.17
N LEU F 91 -38.96 6.17 3.33
CA LEU F 91 -40.00 6.38 4.33
C LEU F 91 -39.44 6.49 5.76
N HIS F 92 -38.77 5.45 6.23
CA HIS F 92 -38.28 5.42 7.61
C HIS F 92 -37.20 6.47 7.88
N CYS F 93 -36.46 6.85 6.83
CA CYS F 93 -35.39 7.83 6.98
C CYS F 93 -35.90 9.26 6.82
N ASP F 94 -36.37 9.60 5.63
CA ASP F 94 -36.85 10.95 5.32
C ASP F 94 -38.06 11.39 6.15
N LYS F 95 -39.09 10.54 6.20
CA LYS F 95 -40.35 10.92 6.85
C LYS F 95 -40.40 10.68 8.37
N LEU F 96 -40.05 9.46 8.79
CA LEU F 96 -40.17 9.07 10.19
C LEU F 96 -38.94 9.37 11.04
N HIS F 97 -37.78 9.50 10.39
CA HIS F 97 -36.52 9.76 11.08
C HIS F 97 -36.17 8.73 12.15
N VAL F 98 -36.26 7.46 11.77
CA VAL F 98 -35.92 6.37 12.65
C VAL F 98 -34.42 6.11 12.59
N ASP F 99 -33.74 6.08 13.74
CA ASP F 99 -32.32 5.78 13.75
C ASP F 99 -32.10 4.32 13.35
N PRO F 100 -31.12 4.07 12.47
CA PRO F 100 -30.86 2.74 11.90
C PRO F 100 -30.61 1.63 12.95
N GLU F 101 -30.01 1.97 14.08
CA GLU F 101 -29.80 0.98 15.13
C GLU F 101 -31.10 0.31 15.52
N ASN F 102 -32.19 1.08 15.53
CA ASN F 102 -33.49 0.50 15.82
C ASN F 102 -33.92 -0.62 14.88
N PHE F 103 -33.39 -0.63 13.65
CA PHE F 103 -33.73 -1.69 12.72
C PHE F 103 -33.13 -3.01 13.22
N LYS F 104 -31.88 -2.97 13.69
CA LYS F 104 -31.26 -4.17 14.26
C LYS F 104 -31.97 -4.64 15.54
N LEU F 105 -32.45 -3.71 16.36
CA LEU F 105 -33.20 -4.08 17.56
C LEU F 105 -34.47 -4.83 17.20
N LEU F 106 -35.20 -4.32 16.21
CA LEU F 106 -36.47 -4.94 15.80
C LEU F 106 -36.22 -6.32 15.20
N GLY F 107 -35.19 -6.43 14.38
CA GLY F 107 -34.80 -7.74 13.85
C GLY F 107 -34.43 -8.75 14.92
N ASN F 108 -33.70 -8.33 15.94
CA ASN F 108 -33.40 -9.23 17.07
C ASN F 108 -34.65 -9.67 17.87
N VAL F 109 -35.60 -8.76 18.05
CA VAL F 109 -36.86 -9.12 18.68
C VAL F 109 -37.58 -10.17 17.81
N LEU F 110 -37.57 -9.96 16.49
CA LEU F 110 -38.17 -10.94 15.57
C LEU F 110 -37.55 -12.32 15.72
N VAL F 111 -36.23 -12.36 15.80
CA VAL F 111 -35.54 -13.63 16.04
C VAL F 111 -36.01 -14.33 17.33
N THR F 112 -36.22 -13.58 18.40
CA THR F 112 -36.73 -14.17 19.64
C THR F 112 -38.18 -14.65 19.48
N VAL F 113 -38.96 -13.96 18.65
CA VAL F 113 -40.33 -14.41 18.40
C VAL F 113 -40.36 -15.69 17.55
N LEU F 114 -39.46 -15.81 16.58
CA LEU F 114 -39.34 -17.07 15.85
C LEU F 114 -38.93 -18.20 16.78
N ALA F 115 -38.02 -17.92 17.72
CA ALA F 115 -37.58 -18.93 18.71
C ALA F 115 -38.78 -19.43 19.51
N ILE F 116 -39.62 -18.52 19.99
CA ILE F 116 -40.83 -18.91 20.71
C ILE F 116 -41.70 -19.85 19.87
N HIS F 117 -41.92 -19.49 18.61
CA HIS F 117 -42.77 -20.31 17.73
C HIS F 117 -42.19 -21.69 17.38
N PHE F 118 -40.89 -21.76 17.08
CA PHE F 118 -40.31 -23.02 16.61
C PHE F 118 -39.63 -23.88 17.66
N GLY F 119 -39.35 -23.32 18.84
CA GLY F 119 -38.76 -24.11 19.91
C GLY F 119 -37.46 -24.78 19.52
N LYS F 120 -37.40 -26.11 19.65
CA LYS F 120 -36.15 -26.82 19.40
C LYS F 120 -35.76 -26.89 17.93
N GLU F 121 -36.69 -26.57 17.04
CA GLU F 121 -36.39 -26.44 15.61
C GLU F 121 -35.48 -25.23 15.35
N PHE F 122 -35.56 -24.22 16.23
CA PHE F 122 -34.77 -23.01 16.08
C PHE F 122 -33.34 -23.18 16.61
N THR F 123 -32.59 -24.06 15.96
CA THR F 123 -31.24 -24.45 16.37
C THR F 123 -30.25 -23.28 16.28
N PRO F 124 -29.03 -23.44 16.83
CA PRO F 124 -28.03 -22.38 16.63
C PRO F 124 -27.72 -22.08 15.14
N GLU F 125 -27.71 -23.10 14.27
CA GLU F 125 -27.52 -22.91 12.83
C GLU F 125 -28.68 -22.18 12.16
N VAL F 126 -29.90 -22.55 12.53
CA VAL F 126 -31.07 -21.88 11.97
C VAL F 126 -31.10 -20.42 12.40
N GLN F 127 -30.73 -20.17 13.64
CA GLN F 127 -30.66 -18.81 14.11
C GLN F 127 -29.59 -18.00 13.35
N ALA F 128 -28.46 -18.63 13.03
CA ALA F 128 -27.40 -17.92 12.31
C ALA F 128 -27.89 -17.45 10.94
N SER F 129 -28.70 -18.26 10.27
CA SER F 129 -29.28 -17.85 9.00
C SER F 129 -30.18 -16.63 9.15
N TRP F 130 -31.04 -16.65 10.18
CA TRP F 130 -31.99 -15.56 10.44
C TRP F 130 -31.32 -14.27 10.91
N GLN F 131 -30.19 -14.40 11.62
CA GLN F 131 -29.42 -13.22 11.99
C GLN F 131 -28.86 -12.56 10.72
N LYS F 132 -28.55 -13.37 9.71
CA LYS F 132 -28.09 -12.81 8.45
C LYS F 132 -29.20 -12.01 7.80
N MET F 133 -30.39 -12.61 7.77
CA MET F 133 -31.58 -11.97 7.23
C MET F 133 -31.84 -10.62 7.93
N VAL F 134 -31.87 -10.65 9.25
CA VAL F 134 -31.98 -9.44 10.07
C VAL F 134 -30.93 -8.38 9.73
N THR F 135 -29.66 -8.78 9.66
CA THR F 135 -28.60 -7.85 9.29
C THR F 135 -28.81 -7.29 7.88
N GLY F 136 -29.18 -8.16 6.94
CA GLY F 136 -29.43 -7.76 5.57
C GLY F 136 -30.56 -6.75 5.46
N VAL F 137 -31.67 -7.04 6.11
CA VAL F 137 -32.83 -6.15 6.16
C VAL F 137 -32.52 -4.78 6.80
N ALA F 138 -31.89 -4.78 7.97
CA ALA F 138 -31.51 -3.53 8.62
C ALA F 138 -30.61 -2.73 7.68
N SER F 139 -29.67 -3.41 7.03
CA SER F 139 -28.81 -2.78 6.04
C SER F 139 -29.61 -2.14 4.89
N ALA F 140 -30.60 -2.87 4.37
CA ALA F 140 -31.41 -2.38 3.26
C ALA F 140 -32.25 -1.18 3.68
N LEU F 141 -32.74 -1.21 4.93
CA LEU F 141 -33.49 -0.08 5.44
C LEU F 141 -32.65 1.17 5.74
N SER F 142 -31.38 0.98 6.11
CA SER F 142 -30.46 2.10 6.33
C SER F 142 -29.92 2.66 5.02
N SER F 143 -30.26 2.05 3.89
CA SER F 143 -29.56 2.39 2.65
C SER F 143 -29.74 3.85 2.22
N ARG F 144 -30.92 4.41 2.47
CA ARG F 144 -31.15 5.82 2.18
C ARG F 144 -30.67 6.74 3.31
N TYR F 145 -29.79 6.21 4.17
CA TYR F 145 -29.07 7.04 5.13
C TYR F 145 -27.66 7.30 4.60
N HIS F 146 -26.90 6.22 4.44
CA HIS F 146 -25.56 6.23 3.82
C HIS F 146 -24.55 7.23 4.39
N VAL G 1 43.90 -1.46 -23.78
CA VAL G 1 45.07 -0.66 -23.54
C VAL G 1 45.16 0.51 -24.52
N LEU G 2 45.61 1.66 -24.03
CA LEU G 2 45.82 2.84 -24.88
C LEU G 2 47.06 2.70 -25.76
N SER G 3 46.88 2.94 -27.06
CA SER G 3 47.96 2.94 -28.03
C SER G 3 48.87 4.19 -27.89
N PRO G 4 50.06 4.17 -28.52
CA PRO G 4 50.91 5.36 -28.52
C PRO G 4 50.20 6.59 -29.07
N ALA G 5 49.54 6.43 -30.22
CA ALA G 5 48.73 7.51 -30.80
C ALA G 5 47.62 7.94 -29.85
N ASP G 6 47.11 7.01 -29.05
CA ASP G 6 46.06 7.32 -28.09
C ASP G 6 46.54 8.27 -27.00
N LYS G 7 47.65 7.91 -26.36
CA LYS G 7 48.16 8.70 -25.23
C LYS G 7 48.54 10.11 -25.67
N THR G 8 49.20 10.20 -26.82
CA THR G 8 49.52 11.49 -27.43
C THR G 8 48.23 12.29 -27.68
N ASN G 9 47.25 11.63 -28.31
CA ASN G 9 45.95 12.24 -28.55
C ASN G 9 45.28 12.80 -27.29
N VAL G 10 45.33 12.02 -26.21
CA VAL G 10 44.71 12.41 -24.94
C VAL G 10 45.43 13.61 -24.31
N LYS G 11 46.75 13.59 -24.35
CA LYS G 11 47.55 14.65 -23.77
C LYS G 11 47.40 15.95 -24.55
N ALA G 12 47.32 15.85 -25.88
CA ALA G 12 47.16 17.04 -26.71
C ALA G 12 45.81 17.71 -26.50
N ALA G 13 44.74 16.92 -26.60
CA ALA G 13 43.38 17.44 -26.48
C ALA G 13 43.17 18.07 -25.11
N TRP G 14 43.57 17.34 -24.07
CA TRP G 14 43.37 17.84 -22.72
C TRP G 14 44.24 19.05 -22.45
N GLY G 15 45.33 19.19 -23.20
CA GLY G 15 46.14 20.38 -23.12
C GLY G 15 45.46 21.59 -23.73
N LYS G 16 44.67 21.34 -24.78
CA LYS G 16 44.02 22.43 -25.51
C LYS G 16 42.92 23.10 -24.69
N VAL G 17 42.62 22.53 -23.53
CA VAL G 17 41.66 23.11 -22.62
C VAL G 17 42.15 24.45 -22.04
N GLY G 18 43.46 24.67 -22.04
CA GLY G 18 43.99 25.95 -21.59
C GLY G 18 43.68 26.23 -20.13
N ALA G 19 43.32 27.47 -19.84
CA ALA G 19 42.99 27.87 -18.47
C ALA G 19 41.56 27.47 -18.07
N HIS G 20 40.91 26.67 -18.89
CA HIS G 20 39.48 26.43 -18.73
C HIS G 20 39.12 25.06 -18.19
N ALA G 21 40.11 24.35 -17.62
CA ALA G 21 39.89 23.00 -17.11
C ALA G 21 38.75 22.94 -16.09
N GLY G 22 38.81 23.81 -15.08
CA GLY G 22 37.79 23.84 -14.05
C GLY G 22 36.44 24.26 -14.62
N GLU G 23 36.45 25.31 -15.42
CA GLU G 23 35.25 25.75 -16.12
C GLU G 23 34.60 24.63 -16.99
N TYR G 24 35.41 23.80 -17.64
CA TYR G 24 34.87 22.71 -18.45
C TYR G 24 34.33 21.60 -17.57
N GLY G 25 34.99 21.39 -16.45
CA GLY G 25 34.53 20.44 -15.45
C GLY G 25 33.17 20.84 -14.91
N ALA G 26 33.00 22.11 -14.60
CA ALA G 26 31.75 22.62 -14.02
C ALA G 26 30.61 22.57 -15.06
N GLU G 27 30.96 22.85 -16.30
CA GLU G 27 30.00 22.77 -17.40
C GLU G 27 29.53 21.34 -17.66
N ALA G 28 30.43 20.37 -17.51
CA ALA G 28 30.08 18.98 -17.75
C ALA G 28 29.11 18.49 -16.65
N LEU G 29 29.38 18.87 -15.41
CA LEU G 29 28.48 18.51 -14.31
C LEU G 29 27.11 19.13 -14.56
N GLU G 30 27.12 20.38 -15.01
CA GLU G 30 25.86 21.08 -15.25
C GLU G 30 25.05 20.44 -16.38
N ARG G 31 25.75 20.01 -17.42
CA ARG G 31 25.12 19.26 -18.51
C ARG G 31 24.51 17.95 -18.01
N MET G 32 25.26 17.23 -17.19
CA MET G 32 24.79 15.96 -16.66
C MET G 32 23.53 16.15 -15.79
N PHE G 33 23.52 17.19 -14.95
CA PHE G 33 22.37 17.48 -14.08
C PHE G 33 21.10 17.86 -14.85
N LEU G 34 21.26 18.46 -16.01
CA LEU G 34 20.11 18.83 -16.84
C LEU G 34 19.58 17.67 -17.70
N SER G 35 20.48 16.93 -18.33
CA SER G 35 20.05 15.82 -19.18
C SER G 35 19.73 14.58 -18.36
N PHE G 36 20.39 14.41 -17.22
CA PHE G 36 20.22 13.19 -16.45
C PHE G 36 19.98 13.51 -14.97
N PRO G 37 18.75 13.94 -14.64
CA PRO G 37 18.34 14.36 -13.29
C PRO G 37 18.65 13.35 -12.16
N THR G 38 18.70 12.05 -12.48
CA THR G 38 19.01 11.04 -11.47
C THR G 38 20.37 11.26 -10.81
N THR G 39 21.26 11.98 -11.49
CA THR G 39 22.60 12.20 -10.95
C THR G 39 22.62 13.25 -9.84
N LYS G 40 21.59 14.06 -9.78
CA LYS G 40 21.47 15.06 -8.72
C LYS G 40 21.36 14.39 -7.35
N THR G 41 20.66 13.27 -7.29
CA THR G 41 20.43 12.55 -6.04
C THR G 41 21.71 12.15 -5.32
N TYR G 42 22.82 12.10 -6.04
CA TYR G 42 24.13 11.89 -5.42
C TYR G 42 24.65 13.16 -4.76
N PHE G 43 23.99 14.29 -4.96
CA PHE G 43 24.49 15.56 -4.37
C PHE G 43 23.51 16.27 -3.44
N PRO G 44 23.07 15.59 -2.37
CA PRO G 44 22.04 16.11 -1.45
C PRO G 44 22.46 17.42 -0.77
N HIS G 45 23.73 17.54 -0.43
CA HIS G 45 24.22 18.70 0.29
C HIS G 45 24.84 19.73 -0.63
N PHE G 46 24.37 19.78 -1.86
CA PHE G 46 24.84 20.77 -2.83
C PHE G 46 23.74 21.70 -3.24
N ASP G 47 24.07 22.98 -3.36
CA ASP G 47 23.25 23.89 -4.15
C ASP G 47 23.54 23.49 -5.60
N LEU G 48 22.50 23.11 -6.34
CA LEU G 48 22.70 22.57 -7.69
C LEU G 48 22.14 23.49 -8.76
N SER G 49 21.71 24.67 -8.36
CA SER G 49 21.14 25.64 -9.29
C SER G 49 22.17 26.08 -10.33
N HIS G 50 21.66 26.55 -11.47
CA HIS G 50 22.49 26.98 -12.59
C HIS G 50 23.53 28.03 -12.17
N GLY G 51 24.80 27.74 -12.43
CA GLY G 51 25.88 28.65 -12.08
C GLY G 51 26.27 28.65 -10.61
N SER G 52 25.86 27.61 -9.88
CA SER G 52 26.17 27.48 -8.46
C SER G 52 27.67 27.44 -8.17
N ALA G 53 28.07 28.07 -7.07
CA ALA G 53 29.48 28.10 -6.68
C ALA G 53 29.99 26.72 -6.30
N GLN G 54 29.17 25.97 -5.58
CA GLN G 54 29.54 24.63 -5.15
C GLN G 54 29.83 23.73 -6.36
N VAL G 55 29.06 23.93 -7.41
CA VAL G 55 29.25 23.15 -8.63
C VAL G 55 30.53 23.59 -9.34
N LYS G 56 30.78 24.90 -9.35
CA LYS G 56 32.03 25.43 -9.91
C LYS G 56 33.23 24.86 -9.15
N GLY G 57 33.16 24.90 -7.82
CA GLY G 57 34.19 24.33 -6.98
C GLY G 57 34.40 22.85 -7.24
N HIS G 58 33.31 22.10 -7.40
CA HIS G 58 33.45 20.67 -7.64
C HIS G 58 33.99 20.36 -9.03
N GLY G 59 33.65 21.20 -10.01
CA GLY G 59 34.16 21.06 -11.37
C GLY G 59 35.67 21.19 -11.45
N LYS G 60 36.24 22.08 -10.64
CA LYS G 60 37.69 22.20 -10.57
C LYS G 60 38.36 20.96 -9.95
N LYS G 61 37.72 20.38 -8.94
CA LYS G 61 38.22 19.13 -8.37
C LYS G 61 38.21 17.99 -9.39
N VAL G 62 37.11 17.84 -10.12
CA VAL G 62 37.01 16.82 -11.16
C VAL G 62 38.06 17.07 -12.23
N ALA G 63 38.19 18.33 -12.63
CA ALA G 63 39.18 18.74 -13.62
C ALA G 63 40.61 18.43 -13.16
N ASP G 64 40.89 18.66 -11.87
CA ASP G 64 42.21 18.36 -11.32
C ASP G 64 42.52 16.87 -11.32
N ALA G 65 41.52 16.05 -11.01
CA ALA G 65 41.73 14.59 -11.02
C ALA G 65 41.96 14.06 -12.44
N LEU G 66 41.18 14.54 -13.39
CA LEU G 66 41.41 14.18 -14.80
C LEU G 66 42.81 14.57 -15.28
N THR G 67 43.24 15.79 -14.93
CA THR G 67 44.56 16.29 -15.28
C THR G 67 45.66 15.40 -14.69
N ASN G 68 45.43 14.97 -13.45
CA ASN G 68 46.35 14.05 -12.81
C ASN G 68 46.32 12.72 -13.57
N ALA G 69 45.11 12.26 -13.88
CA ALA G 69 44.92 10.99 -14.59
C ALA G 69 45.64 11.01 -15.93
N VAL G 70 45.57 12.13 -16.64
CA VAL G 70 46.22 12.27 -17.94
C VAL G 70 47.74 12.17 -17.83
N ALA G 71 48.31 12.74 -16.78
CA ALA G 71 49.76 12.72 -16.57
C ALA G 71 50.25 11.33 -16.19
N HIS G 72 49.32 10.43 -15.86
CA HIS G 72 49.69 9.09 -15.42
C HIS G 72 48.89 8.00 -16.14
N VAL G 73 48.77 8.13 -17.46
CA VAL G 73 47.98 7.19 -18.27
C VAL G 73 48.53 5.77 -18.18
N ASP G 74 49.84 5.66 -17.99
CA ASP G 74 50.51 4.37 -17.99
C ASP G 74 50.23 3.56 -16.72
N ASP G 75 50.17 4.22 -15.57
CA ASP G 75 49.77 3.53 -14.34
C ASP G 75 48.53 4.17 -13.72
N MET G 76 47.49 4.28 -14.54
CA MET G 76 46.23 4.91 -14.14
C MET G 76 45.52 4.32 -12.91
N PRO G 77 45.47 2.98 -12.76
CA PRO G 77 44.73 2.44 -11.62
C PRO G 77 45.22 2.97 -10.27
N ASN G 78 46.51 3.30 -10.20
CA ASN G 78 47.11 3.71 -8.94
C ASN G 78 46.96 5.20 -8.65
N ALA G 79 47.13 6.02 -9.68
CA ALA G 79 46.97 7.46 -9.56
C ALA G 79 45.55 7.82 -9.12
N LEU G 80 44.58 7.00 -9.50
CA LEU G 80 43.18 7.23 -9.16
C LEU G 80 42.71 6.33 -8.03
N SER G 81 43.64 5.54 -7.49
CA SER G 81 43.33 4.54 -6.47
C SER G 81 42.46 5.03 -5.32
N ALA G 82 42.82 6.17 -4.75
CA ALA G 82 42.10 6.74 -3.61
C ALA G 82 40.69 7.15 -4.00
N LEU G 83 40.57 7.79 -5.16
CA LEU G 83 39.28 8.23 -5.69
C LEU G 83 38.40 7.03 -5.97
N SER G 84 39.04 5.97 -6.46
CA SER G 84 38.38 4.71 -6.75
C SER G 84 37.69 4.14 -5.52
N ASP G 85 38.37 4.16 -4.39
CA ASP G 85 37.78 3.70 -3.15
C ASP G 85 36.68 4.63 -2.67
N LEU G 86 36.83 5.92 -2.91
CA LEU G 86 35.83 6.89 -2.51
C LEU G 86 34.48 6.75 -3.26
N HIS G 87 34.53 6.59 -4.56
CA HIS G 87 33.32 6.60 -5.36
C HIS G 87 32.57 5.28 -5.21
N ALA G 88 33.30 4.17 -5.39
CA ALA G 88 32.72 2.86 -5.24
C ALA G 88 32.26 2.56 -3.81
N HIS G 89 33.18 2.66 -2.85
CA HIS G 89 32.90 2.14 -1.52
C HIS G 89 32.20 3.10 -0.55
N LYS G 90 32.54 4.39 -0.60
CA LYS G 90 31.96 5.34 0.34
C LYS G 90 30.67 5.96 -0.19
N LEU G 91 30.73 6.56 -1.38
CA LEU G 91 29.59 7.27 -1.95
C LEU G 91 28.58 6.32 -2.56
N ARG G 92 29.09 5.18 -3.04
CA ARG G 92 28.28 4.13 -3.65
C ARG G 92 27.60 4.65 -4.92
N VAL G 93 28.41 4.86 -5.94
CA VAL G 93 27.97 5.41 -7.20
C VAL G 93 27.67 4.26 -8.16
N ASP G 94 26.50 4.32 -8.80
CA ASP G 94 26.12 3.35 -9.81
C ASP G 94 27.16 3.36 -10.93
N PRO G 95 27.82 2.21 -11.17
CA PRO G 95 28.87 2.09 -12.19
C PRO G 95 28.39 2.53 -13.56
N VAL G 96 27.08 2.46 -13.77
CA VAL G 96 26.44 2.85 -15.02
C VAL G 96 26.45 4.37 -15.25
N ASN G 97 26.27 5.16 -14.20
CA ASN G 97 26.24 6.62 -14.35
C ASN G 97 27.58 7.25 -14.74
N PHE G 98 28.66 6.49 -14.69
CA PHE G 98 29.95 7.05 -15.07
C PHE G 98 29.97 7.39 -16.54
N LYS G 99 29.22 6.61 -17.32
CA LYS G 99 29.05 6.87 -18.74
C LYS G 99 28.38 8.23 -18.98
N LEU G 100 27.48 8.64 -18.08
CA LEU G 100 26.73 9.87 -18.25
C LEU G 100 27.66 11.06 -18.10
N LEU G 101 28.58 10.98 -17.13
CA LEU G 101 29.51 12.08 -16.93
C LEU G 101 30.54 12.08 -18.05
N SER G 102 30.96 10.91 -18.48
CA SER G 102 31.93 10.79 -19.55
C SER G 102 31.36 11.39 -20.82
N HIS G 103 30.11 11.07 -21.09
CA HIS G 103 29.43 11.61 -22.24
C HIS G 103 29.35 13.14 -22.12
N CYS G 104 29.02 13.63 -20.93
CA CYS G 104 28.93 15.08 -20.76
C CYS G 104 30.26 15.80 -20.87
N LEU G 105 31.35 15.15 -20.47
CA LEU G 105 32.68 15.71 -20.69
C LEU G 105 33.05 15.77 -22.17
N LEU G 106 32.80 14.69 -22.91
CA LEU G 106 33.07 14.69 -24.36
C LEU G 106 32.33 15.82 -25.07
N VAL G 107 31.06 16.01 -24.72
CA VAL G 107 30.21 17.02 -25.33
C VAL G 107 30.77 18.42 -25.05
N THR G 108 31.13 18.67 -23.79
CA THR G 108 31.82 19.92 -23.39
C THR G 108 33.12 20.13 -24.18
N LEU G 109 33.94 19.08 -24.28
CA LEU G 109 35.18 19.17 -25.06
C LEU G 109 34.89 19.40 -26.54
N ALA G 110 33.91 18.69 -27.08
CA ALA G 110 33.51 18.87 -28.48
C ALA G 110 33.04 20.30 -28.78
N ALA G 111 32.32 20.91 -27.83
CA ALA G 111 31.77 22.23 -28.04
C ALA G 111 32.79 23.37 -27.91
N HIS G 112 33.90 23.14 -27.20
CA HIS G 112 34.91 24.18 -26.99
C HIS G 112 36.15 23.97 -27.85
N LEU G 113 36.39 22.74 -28.30
CA LEU G 113 37.57 22.47 -29.13
C LEU G 113 37.20 21.72 -30.39
N PRO G 114 36.36 22.32 -31.25
CA PRO G 114 35.89 21.64 -32.46
C PRO G 114 37.02 21.19 -33.38
N ALA G 115 38.07 21.99 -33.50
CA ALA G 115 39.22 21.64 -34.34
C ALA G 115 39.94 20.37 -33.86
N GLU G 116 40.14 20.26 -32.54
CA GLU G 116 40.88 19.13 -31.99
C GLU G 116 40.03 17.86 -31.87
N PHE G 117 38.71 18.00 -31.98
CA PHE G 117 37.83 16.88 -31.73
C PHE G 117 37.59 16.04 -32.99
N THR G 118 38.68 15.58 -33.58
CA THR G 118 38.65 14.62 -34.69
C THR G 118 38.16 13.23 -34.23
N PRO G 119 37.76 12.37 -35.16
CA PRO G 119 37.24 11.05 -34.75
C PRO G 119 38.26 10.23 -33.97
N ALA G 120 39.52 10.28 -34.40
CA ALA G 120 40.60 9.57 -33.73
C ALA G 120 40.81 10.05 -32.29
N VAL G 121 40.80 11.37 -32.09
CA VAL G 121 40.92 11.99 -30.79
C VAL G 121 39.70 11.64 -29.92
N HIS G 122 38.53 11.65 -30.56
CA HIS G 122 37.27 11.29 -29.90
C HIS G 122 37.38 9.84 -29.42
N ALA G 123 37.85 8.95 -30.29
CA ALA G 123 38.03 7.55 -29.91
C ALA G 123 38.99 7.42 -28.74
N SER G 124 40.14 8.09 -28.86
CA SER G 124 41.13 8.11 -27.79
C SER G 124 40.55 8.67 -26.48
N LEU G 125 39.82 9.78 -26.55
CA LEU G 125 39.21 10.34 -25.34
C LEU G 125 38.13 9.44 -24.72
N ASP G 126 37.30 8.81 -25.56
CA ASP G 126 36.29 7.88 -25.03
C ASP G 126 36.97 6.71 -24.33
N LYS G 127 37.97 6.11 -24.98
CA LYS G 127 38.68 4.99 -24.38
C LYS G 127 39.30 5.45 -23.07
N PHE G 128 39.83 6.66 -23.05
CA PHE G 128 40.46 7.20 -21.86
C PHE G 128 39.43 7.36 -20.73
N LEU G 129 38.32 8.03 -21.01
CA LEU G 129 37.25 8.17 -20.01
C LEU G 129 36.62 6.83 -19.60
N ALA G 130 36.47 5.89 -20.53
CA ALA G 130 35.98 4.57 -20.16
C ALA G 130 36.93 3.83 -19.22
N SER G 131 38.24 4.03 -19.40
CA SER G 131 39.25 3.47 -18.49
C SER G 131 39.19 4.11 -17.11
N VAL G 132 38.99 5.41 -17.05
CA VAL G 132 38.95 6.12 -15.77
C VAL G 132 37.77 5.60 -15.01
N SER G 133 36.65 5.48 -15.71
CA SER G 133 35.41 4.93 -15.16
C SER G 133 35.60 3.54 -14.57
N THR G 134 36.14 2.63 -15.37
CA THR G 134 36.43 1.26 -14.91
C THR G 134 37.33 1.24 -13.67
N VAL G 135 38.35 2.09 -13.66
CA VAL G 135 39.21 2.22 -12.48
C VAL G 135 38.43 2.73 -11.27
N LEU G 136 37.61 3.75 -11.45
CA LEU G 136 36.83 4.31 -10.35
C LEU G 136 35.75 3.37 -9.84
N THR G 137 35.46 2.32 -10.59
CA THR G 137 34.45 1.36 -10.16
C THR G 137 35.04 0.07 -9.64
N SER G 138 36.12 -0.40 -10.27
CA SER G 138 36.59 -1.76 -10.03
C SER G 138 38.11 -1.95 -10.03
N LYS G 139 38.86 -0.85 -10.18
CA LYS G 139 40.33 -0.88 -10.21
C LYS G 139 40.93 -1.62 -11.42
N TYR G 140 40.16 -1.80 -12.48
CA TYR G 140 40.67 -2.50 -13.65
C TYR G 140 41.01 -1.52 -14.78
N HIS H 2 7.18 12.48 -24.33
CA HIS H 2 6.62 13.70 -23.74
C HIS H 2 7.45 14.93 -24.06
N PHE H 3 7.59 15.24 -25.35
CA PHE H 3 8.30 16.46 -25.78
C PHE H 3 7.58 17.72 -25.34
N THR H 4 8.21 18.51 -24.47
CA THR H 4 7.67 19.82 -24.14
C THR H 4 7.71 20.72 -25.38
N GLU H 5 7.03 21.85 -25.30
CA GLU H 5 6.98 22.81 -26.41
C GLU H 5 8.38 23.35 -26.71
N GLU H 6 9.10 23.76 -25.67
CA GLU H 6 10.47 24.23 -25.82
C GLU H 6 11.36 23.18 -26.47
N ASP H 7 11.23 21.92 -26.06
CA ASP H 7 12.04 20.84 -26.63
C ASP H 7 11.83 20.75 -28.14
N LYS H 8 10.58 20.77 -28.58
CA LYS H 8 10.26 20.69 -30.00
C LYS H 8 10.86 21.86 -30.77
N ALA H 9 10.61 23.08 -30.28
CA ALA H 9 11.18 24.27 -30.90
C ALA H 9 12.71 24.23 -30.96
N THR H 10 13.36 23.71 -29.93
CA THR H 10 14.81 23.68 -29.94
C THR H 10 15.30 22.67 -30.96
N ILE H 11 14.64 21.52 -31.03
CA ILE H 11 15.10 20.48 -31.92
C ILE H 11 14.90 20.90 -33.37
N THR H 12 13.73 21.48 -33.65
CA THR H 12 13.41 21.95 -34.99
C THR H 12 14.32 23.05 -35.48
N SER H 13 14.45 24.10 -34.68
CA SER H 13 15.37 25.21 -34.96
C SER H 13 16.77 24.72 -35.31
N LEU H 14 17.33 23.86 -34.48
CA LEU H 14 18.70 23.42 -34.65
C LEU H 14 18.88 22.52 -35.87
N TRP H 15 17.91 21.66 -36.11
CA TRP H 15 18.00 20.77 -37.26
C TRP H 15 18.08 21.52 -38.59
N GLY H 16 17.44 22.68 -38.67
CA GLY H 16 17.48 23.50 -39.88
C GLY H 16 18.87 24.02 -40.21
N LYS H 17 19.75 24.08 -39.21
CA LYS H 17 21.10 24.61 -39.41
C LYS H 17 22.12 23.53 -39.73
N VAL H 18 21.68 22.28 -39.71
CA VAL H 18 22.59 21.15 -39.78
C VAL H 18 22.94 20.80 -41.22
N ASN H 19 24.24 20.63 -41.49
CA ASN H 19 24.69 20.04 -42.75
C ASN H 19 24.50 18.53 -42.62
N VAL H 20 23.36 18.04 -43.08
CA VAL H 20 23.01 16.63 -42.93
C VAL H 20 24.05 15.67 -43.51
N GLU H 21 24.40 15.85 -44.80
CA GLU H 21 25.35 14.95 -45.45
C GLU H 21 26.61 14.73 -44.61
N ASP H 22 27.28 15.83 -44.24
CA ASP H 22 28.49 15.72 -43.46
C ASP H 22 28.30 15.30 -41.98
N ALA H 23 27.18 15.67 -41.35
CA ALA H 23 26.96 15.24 -39.97
C ALA H 23 26.59 13.75 -39.89
N GLY H 24 26.00 13.23 -40.96
CA GLY H 24 25.54 11.85 -40.97
C GLY H 24 26.69 10.88 -41.12
N GLY H 25 27.57 11.15 -42.08
CA GLY H 25 28.75 10.35 -42.27
C GLY H 25 29.63 10.44 -41.04
N GLU H 26 29.79 11.65 -40.52
CA GLU H 26 30.57 11.87 -39.29
C GLU H 26 30.03 11.08 -38.10
N THR H 27 28.70 11.02 -37.97
CA THR H 27 28.07 10.35 -36.83
C THR H 27 28.24 8.84 -36.92
N LEU H 28 28.02 8.27 -38.11
CA LEU H 28 28.14 6.83 -38.26
C LEU H 28 29.60 6.38 -38.17
N GLY H 29 30.48 7.15 -38.82
CA GLY H 29 31.91 6.88 -38.76
C GLY H 29 32.41 6.89 -37.34
N ARG H 30 32.06 7.91 -36.57
CA ARG H 30 32.48 7.95 -35.17
C ARG H 30 31.92 6.82 -34.34
N LEU H 31 30.67 6.41 -34.59
CA LEU H 31 30.12 5.23 -33.91
C LEU H 31 31.02 4.00 -34.13
N LEU H 32 31.38 3.74 -35.39
CA LEU H 32 32.19 2.58 -35.73
C LEU H 32 33.61 2.66 -35.16
N VAL H 33 34.18 3.85 -35.16
CA VAL H 33 35.50 4.06 -34.56
C VAL H 33 35.49 3.92 -33.03
N VAL H 34 34.49 4.54 -32.37
CA VAL H 34 34.47 4.63 -30.92
C VAL H 34 33.95 3.36 -30.26
N TYR H 35 32.99 2.69 -30.90
CA TYR H 35 32.36 1.48 -30.35
C TYR H 35 32.51 0.35 -31.35
N PRO H 36 33.69 -0.27 -31.38
CA PRO H 36 34.10 -1.22 -32.44
C PRO H 36 33.16 -2.41 -32.62
N TRP H 37 32.48 -2.87 -31.57
CA TRP H 37 31.57 -4.01 -31.75
C TRP H 37 30.44 -3.72 -32.74
N THR H 38 30.11 -2.44 -32.92
CA THR H 38 29.08 -2.04 -33.88
C THR H 38 29.45 -2.34 -35.33
N GLN H 39 30.73 -2.59 -35.58
CA GLN H 39 31.17 -2.92 -36.94
C GLN H 39 30.67 -4.29 -37.37
N ARG H 40 30.28 -5.10 -36.40
CA ARG H 40 29.73 -6.42 -36.66
C ARG H 40 28.54 -6.38 -37.62
N PHE H 41 27.79 -5.29 -37.58
CA PHE H 41 26.60 -5.13 -38.40
C PHE H 41 26.90 -4.57 -39.79
N PHE H 42 28.13 -4.13 -40.01
CA PHE H 42 28.50 -3.54 -41.30
C PHE H 42 29.58 -4.33 -42.03
N ASP H 43 29.35 -5.64 -42.15
CA ASP H 43 30.31 -6.55 -42.77
C ASP H 43 30.61 -6.20 -44.22
N SER H 44 29.62 -5.68 -44.92
CA SER H 44 29.75 -5.45 -46.36
C SER H 44 30.33 -4.07 -46.74
N PHE H 45 30.65 -3.25 -45.76
CA PHE H 45 31.15 -1.90 -46.04
C PHE H 45 32.63 -1.84 -46.38
N GLY H 46 33.34 -2.95 -46.24
CA GLY H 46 34.75 -3.02 -46.57
C GLY H 46 35.66 -2.77 -45.38
N ASN H 47 36.73 -2.05 -45.62
CA ASN H 47 37.75 -1.78 -44.60
C ASN H 47 37.26 -0.81 -43.53
N LEU H 48 37.09 -1.32 -42.32
CA LEU H 48 36.74 -0.51 -41.16
C LEU H 48 37.84 -0.62 -40.08
N SER H 49 39.10 -0.72 -40.51
CA SER H 49 40.18 -1.13 -39.61
C SER H 49 40.67 -0.02 -38.69
N SER H 50 40.42 1.22 -39.05
CA SER H 50 40.94 2.35 -38.29
C SER H 50 40.15 3.59 -38.62
N ALA H 51 40.36 4.64 -37.82
CA ALA H 51 39.76 5.94 -38.01
C ALA H 51 39.92 6.46 -39.42
N SER H 52 41.15 6.42 -39.93
CA SER H 52 41.43 6.80 -41.31
C SER H 52 40.60 6.01 -42.32
N ALA H 53 40.60 4.68 -42.19
CA ALA H 53 39.86 3.82 -43.10
C ALA H 53 38.35 4.05 -43.02
N ILE H 54 37.86 4.19 -41.80
CA ILE H 54 36.44 4.41 -41.57
C ILE H 54 35.96 5.77 -42.07
N MET H 55 36.71 6.82 -41.77
CA MET H 55 36.24 8.18 -42.09
C MET H 55 36.31 8.47 -43.56
N GLY H 56 37.09 7.69 -44.30
CA GLY H 56 37.21 7.86 -45.73
C GLY H 56 36.46 6.80 -46.53
N ASN H 57 35.75 5.92 -45.84
CA ASN H 57 34.99 4.85 -46.50
C ASN H 57 33.73 5.43 -47.16
N PRO H 58 33.64 5.33 -48.49
CA PRO H 58 32.48 5.92 -49.20
C PRO H 58 31.12 5.31 -48.79
N LYS H 59 31.07 4.01 -48.52
CA LYS H 59 29.84 3.37 -48.07
C LYS H 59 29.39 3.83 -46.69
N VAL H 60 30.35 4.17 -45.83
CA VAL H 60 30.01 4.67 -44.51
C VAL H 60 29.39 6.05 -44.64
N LYS H 61 30.03 6.93 -45.43
CA LYS H 61 29.50 8.28 -45.65
C LYS H 61 28.07 8.23 -46.17
N ALA H 62 27.86 7.49 -47.25
CA ALA H 62 26.55 7.36 -47.88
C ALA H 62 25.49 6.85 -46.89
N HIS H 63 25.85 5.80 -46.16
CA HIS H 63 24.93 5.23 -45.21
C HIS H 63 24.65 6.14 -44.03
N GLY H 64 25.66 6.91 -43.62
CA GLY H 64 25.47 7.87 -42.53
C GLY H 64 24.48 8.96 -42.94
N LYS H 65 24.59 9.41 -44.18
CA LYS H 65 23.67 10.40 -44.72
C LYS H 65 22.23 9.87 -44.70
N LYS H 66 22.05 8.67 -45.22
CA LYS H 66 20.75 8.00 -45.20
C LYS H 66 20.13 7.92 -43.79
N MET H 67 20.92 7.51 -42.81
CA MET H 67 20.45 7.45 -41.42
C MET H 67 19.94 8.77 -40.91
N LEU H 68 20.73 9.81 -41.12
CA LEU H 68 20.45 11.09 -40.51
C LEU H 68 19.30 11.79 -41.23
N THR H 69 19.04 11.44 -42.50
CA THR H 69 17.91 12.07 -43.15
C THR H 69 16.61 11.47 -42.66
N SER H 70 16.63 10.20 -42.31
CA SER H 70 15.43 9.59 -41.76
C SER H 70 15.17 10.19 -40.38
N LEU H 71 16.24 10.52 -39.66
CA LEU H 71 16.13 11.24 -38.40
C LEU H 71 15.54 12.64 -38.60
N GLY H 72 16.01 13.31 -39.65
CA GLY H 72 15.59 14.65 -39.95
C GLY H 72 14.13 14.70 -40.32
N ASP H 73 13.63 13.60 -40.86
CA ASP H 73 12.24 13.54 -41.27
C ASP H 73 11.29 13.22 -40.10
N ALA H 74 11.81 12.53 -39.10
CA ALA H 74 11.06 12.31 -37.88
C ALA H 74 10.88 13.60 -37.06
N ILE H 75 11.85 14.50 -37.17
CA ILE H 75 11.80 15.79 -36.49
C ILE H 75 10.58 16.60 -36.94
N LYS H 76 10.13 16.35 -38.17
CA LYS H 76 8.94 17.02 -38.65
C LYS H 76 7.67 16.61 -37.88
N HIS H 77 7.72 15.46 -37.21
CA HIS H 77 6.56 14.99 -36.45
C HIS H 77 6.99 14.36 -35.15
N LEU H 78 7.40 15.19 -34.19
CA LEU H 78 7.98 14.71 -32.93
C LEU H 78 6.94 14.15 -31.98
N ASP H 79 5.67 14.27 -32.33
CA ASP H 79 4.60 13.69 -31.52
C ASP H 79 4.36 12.22 -31.83
N ASP H 80 4.82 11.75 -32.99
CA ASP H 80 4.68 10.34 -33.34
C ASP H 80 5.98 9.70 -33.85
N LEU H 81 7.02 9.74 -33.02
CA LEU H 81 8.26 9.05 -33.36
C LEU H 81 8.00 7.57 -33.56
N LYS H 82 7.11 7.03 -32.75
CA LYS H 82 6.83 5.61 -32.74
C LYS H 82 6.41 5.12 -34.14
N GLY H 83 5.38 5.77 -34.68
CA GLY H 83 4.90 5.45 -36.02
C GLY H 83 5.95 5.64 -37.10
N THR H 84 6.67 6.77 -37.05
CA THR H 84 7.64 7.11 -38.09
C THR H 84 8.72 6.04 -38.21
N PHE H 85 9.16 5.51 -37.08
CA PHE H 85 10.22 4.52 -37.08
C PHE H 85 9.74 3.06 -37.05
N ALA H 86 8.43 2.84 -37.08
CA ALA H 86 7.87 1.47 -36.99
C ALA H 86 8.47 0.47 -37.98
N GLN H 87 8.66 0.91 -39.22
CA GLN H 87 9.29 0.08 -40.24
C GLN H 87 10.81 -0.07 -40.05
N LEU H 88 11.47 1.00 -39.60
CA LEU H 88 12.89 0.92 -39.32
C LEU H 88 13.09 0.01 -38.11
N SER H 89 12.15 0.09 -37.17
CA SER H 89 12.16 -0.75 -35.98
C SER H 89 12.14 -2.23 -36.36
N GLU H 90 11.27 -2.60 -37.28
CA GLU H 90 11.18 -3.99 -37.73
C GLU H 90 12.48 -4.40 -38.40
N LEU H 91 13.11 -3.45 -39.10
CA LEU H 91 14.37 -3.72 -39.79
C LEU H 91 15.57 -3.94 -38.84
N HIS H 92 15.77 -3.04 -37.90
CA HIS H 92 16.89 -3.15 -36.95
C HIS H 92 16.71 -4.25 -35.90
N CYS H 93 15.48 -4.49 -35.47
CA CYS H 93 15.21 -5.53 -34.46
C CYS H 93 15.01 -6.91 -35.06
N ASP H 94 13.99 -7.06 -35.90
CA ASP H 94 13.66 -8.35 -36.50
C ASP H 94 14.72 -8.91 -37.47
N LYS H 95 15.28 -8.05 -38.31
CA LYS H 95 16.28 -8.50 -39.28
C LYS H 95 17.75 -8.46 -38.80
N LEU H 96 18.19 -7.32 -38.27
CA LEU H 96 19.61 -7.14 -37.94
C LEU H 96 19.96 -7.47 -36.49
N HIS H 97 18.95 -7.55 -35.64
CA HIS H 97 19.13 -7.83 -34.21
C HIS H 97 20.13 -6.89 -33.52
N VAL H 98 20.01 -5.60 -33.81
CA VAL H 98 20.80 -4.59 -33.11
C VAL H 98 20.27 -4.44 -31.69
N ASP H 99 21.13 -4.60 -30.68
CA ASP H 99 20.69 -4.41 -29.31
C ASP H 99 20.36 -2.93 -29.06
N PRO H 100 19.20 -2.68 -28.41
CA PRO H 100 18.69 -1.32 -28.18
C PRO H 100 19.71 -0.34 -27.58
N GLU H 101 20.60 -0.82 -26.73
CA GLU H 101 21.63 0.05 -26.17
C GLU H 101 22.45 0.75 -27.28
N ASN H 102 22.52 0.13 -28.46
CA ASN H 102 23.22 0.74 -29.59
C ASN H 102 22.55 1.98 -30.16
N PHE H 103 21.22 2.00 -30.11
CA PHE H 103 20.47 3.17 -30.56
C PHE H 103 20.82 4.38 -29.68
N LYS H 104 20.89 4.16 -28.37
CA LYS H 104 21.31 5.20 -27.46
C LYS H 104 22.77 5.65 -27.69
N LEU H 105 23.66 4.72 -28.05
CA LEU H 105 25.05 5.08 -28.33
C LEU H 105 25.15 5.94 -29.56
N LEU H 106 24.37 5.59 -30.59
CA LEU H 106 24.36 6.35 -31.81
C LEU H 106 23.85 7.77 -31.54
N GLY H 107 22.77 7.86 -30.76
CA GLY H 107 22.21 9.16 -30.40
C GLY H 107 23.19 10.03 -29.63
N ASN H 108 23.96 9.42 -28.74
CA ASN H 108 24.96 10.16 -27.99
C ASN H 108 26.10 10.66 -28.88
N VAL H 109 26.54 9.84 -29.83
CA VAL H 109 27.54 10.31 -30.78
C VAL H 109 26.99 11.50 -31.61
N LEU H 110 25.72 11.40 -32.01
CA LEU H 110 25.08 12.50 -32.75
C LEU H 110 25.13 13.80 -31.95
N VAL H 111 24.81 13.71 -30.67
CA VAL H 111 24.86 14.87 -29.78
C VAL H 111 26.27 15.48 -29.72
N THR H 112 27.31 14.65 -29.70
CA THR H 112 28.67 15.20 -29.72
C THR H 112 29.02 15.83 -31.07
N VAL H 113 28.51 15.26 -32.16
CA VAL H 113 28.73 15.85 -33.49
C VAL H 113 28.01 17.21 -33.63
N LEU H 114 26.79 17.31 -33.06
CA LEU H 114 26.06 18.57 -32.98
C LEU H 114 26.83 19.60 -32.15
N ALA H 115 27.45 19.16 -31.05
CA ALA H 115 28.29 20.05 -30.26
C ALA H 115 29.46 20.57 -31.08
N ILE H 116 30.11 19.70 -31.85
CA ILE H 116 31.20 20.15 -32.71
C ILE H 116 30.69 21.26 -33.64
N HIS H 117 29.54 21.03 -34.26
CA HIS H 117 28.99 21.96 -35.24
C HIS H 117 28.60 23.27 -34.59
N PHE H 118 27.95 23.24 -33.43
CA PHE H 118 27.37 24.49 -32.88
C PHE H 118 28.14 25.22 -31.77
N GLY H 119 29.11 24.56 -31.14
CA GLY H 119 29.95 25.27 -30.17
C GLY H 119 29.12 25.78 -29.00
N LYS H 120 29.31 27.04 -28.63
CA LYS H 120 28.63 27.57 -27.45
C LYS H 120 27.12 27.75 -27.65
N GLU H 121 26.65 27.61 -28.88
CA GLU H 121 25.21 27.64 -29.15
C GLU H 121 24.56 26.34 -28.64
N PHE H 122 25.38 25.31 -28.48
CA PHE H 122 24.89 24.03 -27.96
C PHE H 122 25.00 24.03 -26.43
N THR H 123 24.13 24.82 -25.80
CA THR H 123 24.11 25.00 -24.35
C THR H 123 23.65 23.75 -23.62
N PRO H 124 23.88 23.69 -22.29
CA PRO H 124 23.32 22.58 -21.52
C PRO H 124 21.79 22.42 -21.66
N GLU H 125 21.03 23.51 -21.78
CA GLU H 125 19.58 23.40 -22.02
C GLU H 125 19.26 22.84 -23.42
N VAL H 126 19.98 23.32 -24.44
CA VAL H 126 19.80 22.78 -25.78
C VAL H 126 20.17 21.29 -25.80
N GLN H 127 21.25 20.91 -25.15
CA GLN H 127 21.61 19.51 -25.09
C GLN H 127 20.53 18.66 -24.40
N ALA H 128 19.96 19.16 -23.31
CA ALA H 128 18.90 18.43 -22.62
C ALA H 128 17.70 18.11 -23.55
N SER H 129 17.36 19.01 -24.47
CA SER H 129 16.30 18.74 -25.45
C SER H 129 16.72 17.64 -26.43
N TRP H 130 17.94 17.74 -26.95
CA TRP H 130 18.44 16.68 -27.81
C TRP H 130 18.57 15.30 -27.13
N GLN H 131 18.87 15.26 -25.84
CA GLN H 131 18.95 13.99 -25.12
C GLN H 131 17.55 13.35 -25.01
N LYS H 132 16.52 14.17 -24.84
CA LYS H 132 15.15 13.67 -24.94
C LYS H 132 14.91 13.06 -26.32
N MET H 133 15.45 13.72 -27.35
CA MET H 133 15.32 13.24 -28.72
C MET H 133 16.00 11.88 -28.87
N VAL H 134 17.22 11.74 -28.33
CA VAL H 134 17.98 10.49 -28.37
C VAL H 134 17.21 9.32 -27.76
N THR H 135 16.67 9.54 -26.56
CA THR H 135 15.90 8.53 -25.86
C THR H 135 14.59 8.21 -26.62
N GLY H 136 13.91 9.24 -27.09
CA GLY H 136 12.69 9.08 -27.88
C GLY H 136 12.91 8.23 -29.12
N VAL H 137 13.89 8.61 -29.95
CA VAL H 137 14.28 7.81 -31.11
C VAL H 137 14.67 6.38 -30.74
N ALA H 138 15.51 6.19 -29.72
CA ALA H 138 15.90 4.86 -29.28
C ALA H 138 14.70 4.03 -28.86
N SER H 139 13.80 4.65 -28.10
CA SER H 139 12.58 4.01 -27.69
C SER H 139 11.72 3.59 -28.91
N ALA H 140 11.59 4.49 -29.89
CA ALA H 140 10.86 4.20 -31.12
C ALA H 140 11.51 3.05 -31.91
N LEU H 141 12.82 3.05 -32.01
CA LEU H 141 13.51 2.01 -32.76
C LEU H 141 13.49 0.64 -32.07
N SER H 142 13.28 0.62 -30.76
CA SER H 142 13.28 -0.63 -29.99
C SER H 142 11.89 -1.21 -29.84
N SER H 143 10.93 -0.59 -30.54
CA SER H 143 9.52 -0.94 -30.43
C SER H 143 9.24 -2.44 -30.66
N ARG H 144 9.92 -3.03 -31.64
CA ARG H 144 9.69 -4.44 -31.99
C ARG H 144 10.37 -5.43 -31.04
N TYR H 145 10.97 -4.92 -29.98
CA TYR H 145 11.54 -5.78 -28.95
C TYR H 145 10.55 -6.00 -27.82
N HIS H 146 10.38 -4.98 -26.98
CA HIS H 146 9.41 -5.00 -25.88
C HIS H 146 9.56 -6.21 -24.94
CHA HEM I . -32.51 19.20 27.54
CHB HEM I . -28.01 18.05 29.07
CHC HEM I . -27.75 14.59 25.63
CHD HEM I . -32.05 16.14 23.70
C1A HEM I . -31.31 19.18 28.23
C2A HEM I . -30.94 20.07 29.31
C3A HEM I . -29.72 19.75 29.73
C4A HEM I . -29.25 18.66 28.92
CMA HEM I . -28.90 20.45 30.85
CAA HEM I . -31.84 21.19 29.88
CBA HEM I . -32.66 20.43 30.91
CGA HEM I . -33.45 21.36 31.78
O1A HEM I . -34.46 21.93 31.28
O2A HEM I . -33.08 21.50 32.97
C1B HEM I . -27.57 17.03 28.27
C2B HEM I . -26.29 16.38 28.42
C3B HEM I . -26.18 15.44 27.48
C4B HEM I . -27.42 15.42 26.69
CMB HEM I . -25.19 16.73 29.46
CAB HEM I . -24.93 14.55 27.34
CBB HEM I . -24.68 13.92 26.18
C1C HEM I . -28.87 14.80 24.83
C2C HEM I . -29.09 14.09 23.58
C3C HEM I . -30.28 14.51 23.06
C4C HEM I . -30.83 15.52 23.93
CMC HEM I . -28.11 13.02 23.03
CAC HEM I . -30.99 14.10 21.75
CBC HEM I . -30.28 13.73 20.67
C1D HEM I . -32.60 17.09 24.56
C2D HEM I . -33.88 17.73 24.41
C3D HEM I . -34.01 18.67 25.62
C4D HEM I . -32.81 18.52 26.37
CMD HEM I . -34.92 17.52 23.30
CAD HEM I . -35.21 19.58 25.93
CBD HEM I . -35.07 20.82 25.05
CGD HEM I . -36.32 21.64 25.15
O1D HEM I . -36.33 22.60 25.95
O2D HEM I . -37.30 21.33 24.44
NA HEM I . -30.25 18.33 28.02
NB HEM I . -28.24 16.42 27.22
NC HEM I . -29.95 15.67 25.02
ND HEM I . -32.00 17.60 25.72
FE HEM I . -30.12 17.06 26.53
C CMO J . -29.35 18.34 25.12
O CMO J . -28.82 19.10 24.32
CHA HEM K . -4.89 -5.42 8.16
CHB HEM K . -7.20 -1.59 6.19
CHC HEM K . -10.09 -1.35 10.05
CHD HEM K . -7.57 -4.89 12.29
C1A HEM K . -5.26 -4.40 7.31
C2A HEM K . -4.66 -4.08 6.03
C3A HEM K . -5.28 -3.03 5.51
C4A HEM K . -6.32 -2.63 6.42
CMA HEM K . -4.97 -2.36 4.16
CAA HEM K . -3.47 -4.78 5.35
CBA HEM K . -3.54 -6.29 5.21
CGA HEM K . -2.44 -6.67 4.25
O1A HEM K . -1.49 -5.86 4.09
O2A HEM K . -2.52 -7.77 3.64
C1B HEM K . -8.19 -1.20 7.04
C2B HEM K . -9.17 -0.15 6.82
C3B HEM K . -9.98 -0.11 7.89
C4B HEM K . -9.52 -1.11 8.83
CMB HEM K . -9.24 0.70 5.53
CAB HEM K . -11.17 0.82 8.22
CBB HEM K . -11.28 2.05 7.72
C1C HEM K . -9.59 -2.21 11.00
C2C HEM K . -10.03 -2.29 12.37
C3C HEM K . -9.35 -3.23 12.98
C4C HEM K . -8.44 -3.84 12.04
CMC HEM K . -11.09 -1.42 13.09
CAC HEM K . -9.60 -3.54 14.47
CBC HEM K . -8.82 -4.36 15.16
C1D HEM K . -6.60 -5.31 11.39
C2D HEM K . -5.60 -6.29 11.72
C3D HEM K . -4.74 -6.47 10.46
C4D HEM K . -5.32 -5.58 9.47
CMD HEM K . -5.42 -7.00 13.08
CAD HEM K . -3.54 -7.46 10.42
CBD HEM K . -2.44 -7.12 9.42
CGD HEM K . -1.10 -7.58 9.94
O1D HEM K . -0.09 -7.39 9.19
O2D HEM K . -1.04 -8.09 11.09
NA HEM K . -6.28 -3.49 7.52
NB HEM K . -8.43 -1.76 8.28
NC HEM K . -8.60 -3.18 10.83
ND HEM K . -6.42 -4.93 10.06
FE HEM K . -7.44 -3.29 9.15
C CMO L . -6.10 -1.94 10.06
O CMO L . -5.45 -1.05 10.61
CHA HEM M . 33.41 -18.64 -26.75
CHB HEM M . 33.66 -17.85 -21.96
CHC HEM M . 30.28 -14.34 -22.19
CHD HEM M . 29.77 -15.35 -27.00
C1A HEM M . 33.77 -18.73 -25.44
C2A HEM M . 34.76 -19.63 -24.87
C3A HEM M . 34.81 -19.41 -23.56
C4A HEM M . 33.88 -18.36 -23.23
CMA HEM M . 35.73 -20.15 -22.55
CAA HEM M . 35.61 -20.70 -25.59
CBA HEM M . 36.37 -20.20 -26.80
CGA HEM M . 37.79 -20.64 -26.69
O1A HEM M . 38.57 -20.43 -27.65
O2A HEM M . 38.14 -21.21 -25.62
C1B HEM M . 32.78 -16.84 -21.62
C2B HEM M . 32.64 -16.27 -20.31
C3B HEM M . 31.72 -15.32 -20.34
C4B HEM M . 31.22 -15.22 -21.70
CMB HEM M . 33.43 -16.71 -19.05
CAB HEM M . 31.29 -14.51 -19.10
CBB HEM M . 30.37 -13.54 -19.15
C1C HEM M . 29.84 -14.42 -23.51
C2C HEM M . 28.71 -13.67 -24.01
C3C HEM M . 28.59 -13.95 -25.33
C4C HEM M . 29.61 -14.89 -25.70
CMC HEM M . 27.87 -12.74 -23.12
CAC HEM M . 27.54 -13.45 -26.34
CBC HEM M . 26.34 -12.99 -25.93
C1D HEM M . 30.67 -16.33 -27.36
C2D HEM M . 30.79 -16.89 -28.68
C3D HEM M . 31.92 -17.90 -28.61
C4D HEM M . 32.38 -17.87 -27.25
CMD HEM M . 29.96 -16.55 -29.92
CAD HEM M . 32.45 -18.77 -29.76
CBD HEM M . 31.55 -19.96 -30.00
CGD HEM M . 32.14 -20.72 -31.18
O1D HEM M . 33.01 -21.60 -30.96
O2D HEM M . 31.74 -20.43 -32.32
NA HEM M . 33.24 -17.97 -24.40
NB HEM M . 31.91 -16.17 -22.44
NC HEM M . 30.39 -15.16 -24.57
ND HEM M . 31.63 -16.94 -26.56
FE HEM M . 31.85 -16.59 -24.48
C CMO N . 30.29 -17.88 -24.04
O CMO N . 29.34 -18.60 -23.83
CHA HEM O . 7.53 4.13 -3.85
CHB HEM O . 6.38 0.61 -7.00
CHC HEM O . 11.00 0.47 -8.65
CHD HEM O . 12.26 3.73 -5.24
C1A HEM O . 6.85 3.18 -4.57
C2A HEM O . 5.45 2.86 -4.40
C3A HEM O . 5.12 1.90 -5.25
C4A HEM O . 6.30 1.55 -6.00
CMA HEM O . 3.70 1.28 -5.39
CAA HEM O . 4.50 3.54 -3.40
CBA HEM O . 3.85 4.71 -4.11
CGA HEM O . 2.83 5.31 -3.20
O1A HEM O . 2.56 4.71 -2.12
O2A HEM O . 2.28 6.38 -3.55
C1B HEM O . 7.52 0.28 -7.69
C2B HEM O . 7.60 -0.75 -8.71
C3B HEM O . 8.87 -0.76 -9.17
C4B HEM O . 9.64 0.22 -8.44
CMB HEM O . 6.41 -1.62 -9.16
CAB HEM O . 9.52 -1.68 -10.24
CBB HEM O . 9.01 -2.85 -10.64
C1C HEM O . 11.73 1.27 -7.81
C2C HEM O . 13.17 1.37 -7.78
C3C HEM O . 13.51 2.28 -6.84
C4C HEM O . 12.29 2.77 -6.24
CMC HEM O . 14.10 0.54 -8.71
CAC HEM O . 14.90 2.75 -6.37
CBC HEM O . 16.04 2.17 -6.75
C1D HEM O . 11.11 4.10 -4.55
C2D HEM O . 11.12 4.99 -3.42
C3D HEM O . 9.68 5.14 -2.97
C4D HEM O . 8.90 4.32 -3.88
CMD HEM O . 12.35 5.66 -2.78
CAD HEM O . 9.26 6.01 -1.75
CBD HEM O . 7.91 6.67 -1.92
CGD HEM O . 7.23 6.54 -0.59
O1D HEM O . 7.95 6.66 0.44
O2D HEM O . 5.98 6.30 -0.58
NA HEM O . 7.35 2.35 -5.55
NB HEM O . 8.79 0.85 -7.53
NC HEM O . 11.23 2.14 -6.84
ND HEM O . 9.79 3.72 -4.79
FE HEM O . 9.28 2.24 -6.12
C CMO P . 9.67 0.62 -4.68
O CMO P . 9.99 -0.36 -4.00
CHA HEM Q . -14.84 -15.44 31.94
CHB HEM Q . -19.41 -14.50 33.26
CHC HEM Q . -20.13 -11.91 29.24
CHD HEM Q . -15.81 -13.34 27.63
C1A HEM Q . -16.04 -15.46 32.60
C2A HEM Q . -16.35 -16.26 33.77
C3A HEM Q . -17.61 -15.99 34.14
C4A HEM Q . -18.14 -15.02 33.23
CMA HEM Q . -18.37 -16.61 35.33
CAA HEM Q . -15.39 -17.24 34.46
CBA HEM Q . -14.57 -16.50 35.49
CGA HEM Q . -13.71 -17.53 36.20
O1A HEM Q . -14.31 -18.42 36.88
O2A HEM Q . -12.47 -17.46 36.09
C1B HEM Q . -20.00 -13.70 32.31
C2B HEM Q . -21.35 -13.19 32.37
C3B HEM Q . -21.54 -12.46 31.25
C4B HEM Q . -20.33 -12.52 30.46
CMB HEM Q . -22.33 -13.45 33.54
CAB HEM Q . -22.80 -11.69 30.77
CBB HEM Q . -24.00 -11.79 31.34
C1C HEM Q . -19.05 -12.14 28.41
C2C HEM Q . -18.96 -11.79 27.02
C3C HEM Q . -17.77 -12.18 26.57
C4C HEM Q . -17.07 -12.81 27.68
CMC HEM Q . -20.11 -11.07 26.26
CAC HEM Q . -17.15 -12.06 25.15
CBC HEM Q . -17.85 -11.75 24.06
C1D HEM Q . -15.11 -13.97 28.64
C2D HEM Q . -13.73 -14.37 28.57
C3D HEM Q . -13.42 -15.03 29.91
C4D HEM Q . -14.65 -14.95 30.67
CMD HEM Q . -12.73 -14.19 27.40
CAD HEM Q . -12.07 -15.62 30.35
CBD HEM Q . -11.88 -16.96 29.64
CGD HEM Q . -10.73 -17.71 30.27
O1D HEM Q . -10.93 -18.90 30.62
O2D HEM Q . -9.63 -17.11 30.43
NA HEM Q . -17.16 -14.71 32.29
NB HEM Q . -19.40 -13.29 31.12
NC HEM Q . -17.88 -12.77 28.80
ND HEM Q . -15.62 -14.34 29.88
FE HEM Q . -17.52 -13.80 30.53
CHA HEM R . -44.38 2.01 8.84
CHB HEM R . -41.77 -1.90 7.68
CHC HEM R . -38.62 -0.91 11.31
CHD HEM R . -41.38 2.89 12.63
C1A HEM R . -43.97 0.86 8.21
C2A HEM R . -44.63 0.18 7.12
C3A HEM R . -43.92 -0.90 6.81
C4A HEM R . -42.77 -0.95 7.70
CMA HEM R . -44.24 -1.92 5.69
CAA HEM R . -45.94 0.63 6.44
CBA HEM R . -45.74 1.97 5.75
CGA HEM R . -46.79 2.18 4.67
O1A HEM R . -47.56 1.24 4.37
O2A HEM R . -46.84 3.30 4.10
C1B HEM R . -40.72 -1.95 8.58
C2B HEM R . -39.75 -3.02 8.61
C3B HEM R . -38.87 -2.75 9.59
C4B HEM R . -39.27 -1.51 10.23
CMB HEM R . -39.80 -4.20 7.61
CAB HEM R . -37.64 -3.58 10.08
CBB HEM R . -37.44 -4.86 9.78
C1C HEM R . -39.17 0.13 12.05
C2C HEM R . -38.77 0.56 13.37
C3C HEM R . -39.53 1.60 13.73
C4C HEM R . -40.44 1.87 12.65
CMC HEM R . -37.64 -0.12 14.19
CAC HEM R . -39.53 2.45 15.02
CBC HEM R . -38.59 2.34 15.96
C1D HEM R . -42.46 2.97 11.78
C2D HEM R . -43.59 3.85 11.95
C3D HEM R . -44.52 3.56 10.78
C4D HEM R . -43.86 2.54 10.01
CMD HEM R . -43.78 4.85 13.11
CAD HEM R . -45.90 4.17 10.39
CBD HEM R . -46.11 5.65 10.70
CGD HEM R . -47.60 5.89 10.67
O1D HEM R . -48.06 6.71 9.82
O2D HEM R . -48.32 5.26 11.48
NA HEM R . -42.84 0.14 8.54
NB HEM R . -40.41 -1.05 9.58
NC HEM R . -40.20 0.95 11.65
ND HEM R . -42.66 2.22 10.61
FE HEM R . -41.65 0.50 10.17
C CMO S . -42.75 -0.93 11.27
O CMO S . -43.46 -1.70 11.92
CHA HEM T . 33.69 13.73 -5.45
CHB HEM T . 36.22 13.12 -9.52
CHC HEM T . 32.58 10.70 -11.57
CHD HEM T . 29.78 12.00 -7.84
C1A HEM T . 34.71 13.77 -6.36
C2A HEM T . 36.04 14.31 -6.14
C3A HEM T . 36.74 14.14 -7.26
C4A HEM T . 35.88 13.47 -8.23
CMA HEM T . 38.22 14.60 -7.45
CAA HEM T . 36.53 14.97 -4.84
CBA HEM T . 37.09 13.88 -3.93
CGA HEM T . 37.65 14.48 -2.65
O1A HEM T . 37.68 15.73 -2.51
O2A HEM T . 38.10 13.69 -1.77
C1B HEM T . 35.48 12.38 -10.39
C2B HEM T . 35.97 11.87 -11.66
C3B HEM T . 34.96 11.17 -12.22
C4B HEM T . 33.82 11.26 -11.35
CMB HEM T . 37.41 12.08 -12.18
CAB HEM T . 34.92 10.45 -13.58
CBB HEM T . 35.51 10.96 -14.66
C1C HEM T . 31.47 10.90 -10.79
C2C HEM T . 30.10 10.51 -11.09
C3C HEM T . 29.33 10.87 -10.05
C4C HEM T . 30.20 11.49 -9.06
CMC HEM T . 29.68 9.80 -12.40
CAC HEM T . 27.82 10.73 -9.82
CBC HEM T . 26.96 10.36 -10.78
C1D HEM T . 30.56 12.52 -6.83
C2D HEM T . 30.09 12.86 -5.49
C3D HEM T . 31.31 13.40 -4.77
C4D HEM T . 32.39 13.33 -5.71
CMD HEM T . 28.68 12.73 -4.90
CAD HEM T . 31.35 13.91 -3.30
CBD HEM T . 30.92 15.37 -3.26
CGD HEM T . 31.11 15.86 -1.85
O1D HEM T . 31.46 15.04 -0.96
O2D HEM T . 30.91 17.08 -1.59
NA HEM T . 34.66 13.27 -7.65
NB HEM T . 34.16 12.00 -10.24
NC HEM T . 31.49 11.48 -9.54
ND HEM T . 31.93 12.82 -6.91
FE HEM T . 33.11 12.24 -8.52
CHA HEM U . 20.04 0.66 -42.19
CHB HEM U . 18.28 4.45 -39.73
CHC HEM U . 20.67 3.02 -35.70
CHD HEM U . 22.67 -0.69 -38.22
C1A HEM U . 19.35 1.82 -41.88
C2A HEM U . 18.53 2.59 -42.79
C3A HEM U . 18.05 3.62 -42.10
C4A HEM U . 18.56 3.56 -40.75
CMA HEM U . 17.11 4.71 -42.67
CAA HEM U . 18.20 2.32 -44.29
CBA HEM U . 17.74 0.89 -44.54
CGA HEM U . 17.32 0.72 -45.99
O1A HEM U . 16.73 -0.33 -46.32
O2A HEM U . 17.57 1.65 -46.81
C1B HEM U . 18.77 4.39 -38.44
C2B HEM U . 18.54 5.38 -37.42
C3B HEM U . 19.18 5.00 -36.31
C4B HEM U . 19.88 3.76 -36.59
CMB HEM U . 17.66 6.65 -37.58
CAB HEM U . 19.16 5.81 -35.00
CBB HEM U . 19.62 5.33 -33.83
C1C HEM U . 21.48 1.95 -36.06
C2C HEM U . 22.52 1.35 -35.23
C3C HEM U . 23.07 0.34 -35.93
C4C HEM U . 22.40 0.26 -37.21
CMC HEM U . 22.89 1.85 -33.82
CAC HEM U . 24.21 -0.63 -35.55
CBC HEM U . 24.82 -0.68 -34.37
C1D HEM U . 22.17 -0.64 -39.51
C2D HEM U . 22.60 -1.50 -40.59
C3D HEM U . 21.79 -1.07 -41.81
C4D HEM U . 20.95 0.00 -41.37
CMD HEM U . 23.65 -2.62 -40.53
CAD HEM U . 21.87 -1.67 -43.22
CBD HEM U . 20.94 -2.86 -43.36
CGD HEM U . 21.50 -3.77 -44.44
O1D HEM U . 20.88 -4.85 -44.71
O2D HEM U . 22.56 -3.39 -45.00
NA HEM U . 19.36 2.44 -40.65
NB HEM U . 19.60 3.42 -37.91
NC HEM U . 21.46 1.27 -37.26
ND HEM U . 21.20 0.23 -40.02
FE HEM U . 20.44 1.91 -39.01
C CMO V . 21.97 3.03 -39.61
O CMO V . 22.86 3.84 -39.85
#